data_9CR3
#
_entry.id   9CR3
#
_cell.length_a   1.00
_cell.length_b   1.00
_cell.length_c   1.00
_cell.angle_alpha   90.00
_cell.angle_beta   90.00
_cell.angle_gamma   90.00
#
_symmetry.space_group_name_H-M   'P 1'
#
_entity_poly.entity_id   1
_entity_poly.type   'polypeptide(L)'
_entity_poly.pdbx_seq_one_letter_code
;MEMEQEKMTMNKELSPDAAAYCCSACHGDETWSYNHPIRGRAKSRSLSASPALGSTKEFRRTRSLHGPCPVTTFGPKACV
LQNPQTIMHIQDPASQRLTWNKSPKSVLVIKKMRDASLLQPFKELCTHLMEENMIVYVEKKVLEDPAIASDESFGAVKKK
FCTFREDYDDISNQIDFIICLGGDGTLLYASSLFQGSVPPVMAFHLGSLGFLTPFSFENFQSQVTQVIEGNAAVVLRSRL
KVRVVKELRGKKTAVHNGLGENGSQAAGLDMDVGKQAMQYQVLNEVVIDRGPSSYLSNVDVYLDGHLITTVQGDGVIVST
PTGSTAYAAAAGASMIHPNVPAIMITPICPHSLSFRPIVVPAGVELKIMLSPEARNTAWVSFDGRKRQEIRHGDSISITT
SCYPLPSICVRDPVSDWFESLAQCLHWNVRKKQAHFEEEEEEEEEGTRTRPLEQKLISEEDLAANDILDYKDDDDKV
;
_entity_poly.pdbx_strand_id   A,D,C,B
#
# COMPACT_ATOMS: atom_id res chain seq x y z
N GLN A 96 -24.27 23.53 -18.27
CA GLN A 96 -23.39 22.86 -17.32
C GLN A 96 -24.16 22.35 -16.12
N ARG A 97 -25.15 23.12 -15.66
CA ARG A 97 -25.84 22.79 -14.41
C ARG A 97 -27.07 21.93 -14.68
N LEU A 98 -28.02 22.46 -15.44
CA LEU A 98 -29.21 21.70 -15.82
C LEU A 98 -29.92 22.36 -16.99
N THR A 99 -29.97 21.68 -18.13
CA THR A 99 -30.60 22.22 -19.33
C THR A 99 -31.91 21.49 -19.60
N TRP A 100 -33.00 22.01 -19.05
CA TRP A 100 -34.33 21.50 -19.38
C TRP A 100 -34.81 22.16 -20.67
N ASN A 101 -34.78 21.43 -21.78
CA ASN A 101 -35.35 21.94 -23.01
C ASN A 101 -36.84 22.17 -22.87
N LYS A 102 -37.56 21.18 -22.35
CA LYS A 102 -38.98 21.27 -22.07
C LYS A 102 -39.22 20.80 -20.64
N SER A 103 -40.23 21.37 -20.00
CA SER A 103 -40.48 21.08 -18.59
C SER A 103 -40.71 19.59 -18.38
N PRO A 104 -39.98 18.94 -17.48
CA PRO A 104 -40.12 17.48 -17.32
C PRO A 104 -41.49 17.09 -16.83
N LYS A 105 -41.99 15.96 -17.35
CA LYS A 105 -43.31 15.46 -16.97
C LYS A 105 -43.32 13.99 -16.59
N SER A 106 -42.25 13.23 -16.83
CA SER A 106 -42.21 11.81 -16.52
C SER A 106 -41.12 11.54 -15.50
N VAL A 107 -41.46 10.76 -14.47
CA VAL A 107 -40.53 10.36 -13.43
C VAL A 107 -40.55 8.85 -13.33
N LEU A 108 -39.36 8.24 -13.33
CA LEU A 108 -39.20 6.82 -13.08
C LEU A 108 -38.61 6.65 -11.68
N VAL A 109 -39.36 6.00 -10.79
CA VAL A 109 -38.94 5.82 -9.41
C VAL A 109 -38.54 4.37 -9.23
N ILE A 110 -37.28 4.15 -8.87
CA ILE A 110 -36.73 2.81 -8.70
C ILE A 110 -36.54 2.57 -7.21
N LYS A 111 -37.08 1.46 -6.71
CA LYS A 111 -37.00 1.12 -5.30
C LYS A 111 -36.09 -0.09 -5.12
N LYS A 112 -35.42 -0.13 -3.97
CA LYS A 112 -34.48 -1.21 -3.69
C LYS A 112 -35.16 -2.58 -3.71
N MET A 113 -36.46 -2.63 -3.39
CA MET A 113 -37.26 -3.85 -3.35
C MET A 113 -36.80 -4.78 -2.23
N ARG A 114 -37.73 -5.59 -1.71
CA ARG A 114 -37.45 -6.51 -0.61
C ARG A 114 -36.91 -5.76 0.61
N ASP A 115 -37.51 -4.61 0.90
CA ASP A 115 -37.11 -3.81 2.06
C ASP A 115 -38.37 -3.09 2.54
N ALA A 116 -38.76 -3.33 3.79
CA ALA A 116 -39.97 -2.74 4.33
C ALA A 116 -39.80 -1.28 4.75
N SER A 117 -38.55 -0.83 4.95
CA SER A 117 -38.32 0.52 5.44
C SER A 117 -38.63 1.58 4.39
N LEU A 118 -38.73 1.20 3.13
CA LEU A 118 -38.89 2.15 2.04
C LEU A 118 -40.34 2.38 1.63
N LEU A 119 -41.29 1.66 2.24
CA LEU A 119 -42.69 1.76 1.80
C LEU A 119 -43.25 3.15 2.06
N GLN A 120 -43.11 3.66 3.28
CA GLN A 120 -43.59 5.01 3.58
C GLN A 120 -42.86 6.08 2.77
N PRO A 121 -41.53 6.07 2.65
CA PRO A 121 -40.89 7.06 1.78
C PRO A 121 -41.35 7.00 0.34
N PHE A 122 -41.50 5.79 -0.20
CA PHE A 122 -41.98 5.66 -1.57
C PHE A 122 -43.38 6.21 -1.71
N LYS A 123 -44.24 5.94 -0.72
CA LYS A 123 -45.60 6.45 -0.77
C LYS A 123 -45.63 7.98 -0.75
N GLU A 124 -44.85 8.58 0.15
CA GLU A 124 -44.84 10.03 0.25
C GLU A 124 -44.30 10.66 -1.04
N LEU A 125 -43.21 10.12 -1.57
CA LEU A 125 -42.63 10.66 -2.79
C LEU A 125 -43.59 10.53 -3.95
N CYS A 126 -44.29 9.39 -4.05
CA CYS A 126 -45.25 9.21 -5.13
C CYS A 126 -46.44 10.15 -4.98
N THR A 127 -46.91 10.38 -3.75
CA THR A 127 -47.97 11.37 -3.56
C THR A 127 -47.52 12.75 -4.00
N HIS A 128 -46.29 13.14 -3.66
CA HIS A 128 -45.77 14.41 -4.12
C HIS A 128 -45.77 14.48 -5.64
N LEU A 129 -45.24 13.45 -6.29
CA LEU A 129 -45.10 13.50 -7.74
C LEU A 129 -46.45 13.54 -8.43
N MET A 130 -47.41 12.77 -7.93
CA MET A 130 -48.75 12.77 -8.53
C MET A 130 -49.53 14.03 -8.21
N GLU A 131 -49.18 14.71 -7.12
CA GLU A 131 -49.88 15.94 -6.78
C GLU A 131 -49.64 17.02 -7.82
N GLU A 132 -48.39 17.20 -8.25
CA GLU A 132 -48.07 18.26 -9.20
C GLU A 132 -48.15 17.79 -10.65
N ASN A 133 -49.28 17.17 -11.01
CA ASN A 133 -49.65 16.87 -12.39
C ASN A 133 -48.51 16.32 -13.23
N MET A 134 -47.66 15.47 -12.64
CA MET A 134 -46.47 14.99 -13.31
C MET A 134 -46.49 13.47 -13.35
N ILE A 135 -46.32 12.91 -14.55
CA ILE A 135 -46.57 11.48 -14.76
C ILE A 135 -45.50 10.67 -14.04
N VAL A 136 -45.93 9.54 -13.46
CA VAL A 136 -45.07 8.69 -12.64
C VAL A 136 -45.00 7.31 -13.28
N TYR A 137 -43.79 6.81 -13.46
CA TYR A 137 -43.55 5.46 -13.97
C TYR A 137 -42.98 4.59 -12.86
N VAL A 138 -43.40 3.32 -12.83
CA VAL A 138 -42.99 2.36 -11.82
C VAL A 138 -42.68 1.04 -12.53
N GLU A 139 -41.66 0.34 -12.07
CA GLU A 139 -41.30 -0.95 -12.64
C GLU A 139 -42.45 -1.95 -12.50
N LYS A 140 -42.40 -2.99 -13.32
CA LYS A 140 -43.42 -4.03 -13.27
C LYS A 140 -43.44 -4.72 -11.92
N LYS A 141 -42.26 -5.06 -11.40
CA LYS A 141 -42.17 -5.81 -10.15
C LYS A 141 -42.44 -4.95 -8.93
N VAL A 142 -42.36 -3.62 -9.06
CA VAL A 142 -42.57 -2.75 -7.91
C VAL A 142 -44.06 -2.47 -7.72
N LEU A 143 -44.81 -2.30 -8.81
CA LEU A 143 -46.24 -2.04 -8.69
C LEU A 143 -47.00 -3.26 -8.18
N GLU A 144 -46.46 -4.46 -8.37
CA GLU A 144 -47.10 -5.69 -7.93
C GLU A 144 -46.60 -6.17 -6.58
N ASP A 145 -45.95 -5.30 -5.82
CA ASP A 145 -45.45 -5.67 -4.51
C ASP A 145 -46.61 -5.99 -3.58
N PRO A 146 -46.63 -7.15 -2.93
CA PRO A 146 -47.76 -7.50 -2.07
C PRO A 146 -47.97 -6.54 -0.91
N ALA A 147 -46.87 -6.01 -0.34
CA ALA A 147 -47.01 -5.09 0.79
C ALA A 147 -47.75 -3.82 0.39
N ILE A 148 -47.47 -3.29 -0.80
CA ILE A 148 -48.19 -2.10 -1.26
C ILE A 148 -49.51 -2.50 -1.92
N ALA A 149 -49.64 -3.74 -2.40
CA ALA A 149 -50.92 -4.20 -2.92
C ALA A 149 -51.97 -4.27 -1.81
N SER A 150 -51.58 -4.74 -0.63
CA SER A 150 -52.52 -4.85 0.48
C SER A 150 -53.00 -3.48 0.93
N ASP A 151 -52.10 -2.50 0.98
CA ASP A 151 -52.48 -1.16 1.42
C ASP A 151 -53.38 -0.51 0.36
N GLU A 152 -54.63 -0.24 0.74
CA GLU A 152 -55.58 0.38 -0.16
C GLU A 152 -55.59 1.90 -0.08
N SER A 153 -55.11 2.46 1.04
CA SER A 153 -55.06 3.92 1.16
C SER A 153 -54.16 4.53 0.08
N PHE A 154 -53.01 3.92 -0.16
CA PHE A 154 -52.15 4.36 -1.25
C PHE A 154 -52.73 4.01 -2.61
N GLY A 155 -53.67 3.06 -2.66
CA GLY A 155 -54.21 2.61 -3.93
C GLY A 155 -54.87 3.70 -4.74
N ALA A 156 -55.32 4.77 -4.08
CA ALA A 156 -55.93 5.88 -4.79
C ALA A 156 -54.99 6.47 -5.84
N VAL A 157 -53.68 6.31 -5.66
CA VAL A 157 -52.72 6.75 -6.66
C VAL A 157 -52.05 5.60 -7.38
N LYS A 158 -52.31 4.35 -6.99
CA LYS A 158 -51.73 3.22 -7.71
C LYS A 158 -52.27 3.14 -9.13
N LYS A 159 -53.56 3.42 -9.32
CA LYS A 159 -54.16 3.33 -10.64
C LYS A 159 -53.58 4.37 -11.60
N LYS A 160 -52.93 5.41 -11.08
CA LYS A 160 -52.36 6.46 -11.91
C LYS A 160 -50.91 6.18 -12.28
N PHE A 161 -50.34 5.06 -11.84
CA PHE A 161 -48.95 4.73 -12.11
C PHE A 161 -48.82 4.11 -13.50
N CYS A 162 -48.12 4.80 -14.40
CA CYS A 162 -47.77 4.19 -15.67
C CYS A 162 -46.67 3.16 -15.46
N THR A 163 -46.60 2.20 -16.37
CA THR A 163 -45.68 1.08 -16.25
C THR A 163 -44.58 1.20 -17.30
N PHE A 164 -43.34 1.00 -16.87
CA PHE A 164 -42.19 1.10 -17.75
C PHE A 164 -42.19 -0.01 -18.80
N SER A 172 -36.43 5.11 -26.68
CA SER A 172 -37.36 5.35 -25.58
C SER A 172 -37.71 6.82 -25.45
N ASN A 173 -36.95 7.53 -24.61
CA ASN A 173 -37.08 8.96 -24.34
C ASN A 173 -38.36 9.29 -23.59
N GLN A 174 -39.19 8.30 -23.27
CA GLN A 174 -40.42 8.57 -22.53
C GLN A 174 -40.13 8.95 -21.08
N ILE A 175 -39.05 8.42 -20.50
CA ILE A 175 -38.61 8.83 -19.17
C ILE A 175 -37.76 10.08 -19.30
N ASP A 176 -37.97 11.03 -18.39
CA ASP A 176 -37.22 12.28 -18.42
C ASP A 176 -36.49 12.62 -17.13
N PHE A 177 -36.76 11.90 -16.04
CA PHE A 177 -36.17 12.22 -14.75
C PHE A 177 -36.31 11.02 -13.83
N ILE A 178 -35.21 10.57 -13.24
CA ILE A 178 -35.17 9.34 -12.47
C ILE A 178 -34.91 9.69 -11.01
N ILE A 179 -35.68 9.10 -10.10
CA ILE A 179 -35.49 9.26 -8.66
C ILE A 179 -35.20 7.89 -8.08
N CYS A 180 -34.08 7.77 -7.38
CA CYS A 180 -33.64 6.52 -6.79
C CYS A 180 -33.80 6.58 -5.27
N LEU A 181 -34.42 5.56 -4.70
CA LEU A 181 -34.58 5.44 -3.25
C LEU A 181 -33.84 4.20 -2.79
N GLY A 182 -32.67 4.40 -2.19
CA GLY A 182 -31.84 3.30 -1.74
C GLY A 182 -30.41 3.78 -1.60
N GLY A 183 -29.52 2.83 -1.36
CA GLY A 183 -28.12 3.19 -1.26
C GLY A 183 -27.18 2.41 -2.17
N ASP A 184 -26.58 3.12 -3.13
CA ASP A 184 -25.45 2.65 -3.92
C ASP A 184 -25.79 1.43 -4.76
N GLY A 185 -27.03 0.97 -4.71
CA GLY A 185 -27.44 -0.15 -5.53
C GLY A 185 -28.58 0.20 -6.46
N THR A 186 -29.37 1.20 -6.05
CA THR A 186 -30.49 1.62 -6.87
C THR A 186 -30.02 2.28 -8.16
N LEU A 187 -28.94 3.08 -8.07
CA LEU A 187 -28.44 3.73 -9.27
C LEU A 187 -27.77 2.73 -10.22
N LEU A 188 -27.13 1.69 -9.67
CA LEU A 188 -26.59 0.64 -10.52
C LEU A 188 -27.70 -0.07 -11.30
N TYR A 189 -28.80 -0.38 -10.62
CA TYR A 189 -29.93 -0.99 -11.30
C TYR A 189 -30.51 -0.05 -12.35
N ALA A 190 -30.60 1.25 -12.02
CA ALA A 190 -31.11 2.22 -12.98
C ALA A 190 -30.23 2.27 -14.22
N SER A 191 -28.91 2.28 -14.03
CA SER A 191 -28.00 2.27 -15.17
C SER A 191 -28.13 0.98 -15.97
N SER A 192 -28.37 -0.14 -15.29
CA SER A 192 -28.60 -1.39 -16.00
C SER A 192 -29.85 -1.31 -16.86
N LEU A 193 -30.90 -0.65 -16.35
CA LEU A 193 -32.14 -0.54 -17.12
C LEU A 193 -31.93 0.24 -18.40
N PHE A 194 -31.18 1.34 -18.35
CA PHE A 194 -30.98 2.21 -19.49
C PHE A 194 -29.59 1.95 -20.07
N GLN A 195 -29.53 1.18 -21.16
CA GLN A 195 -28.28 0.95 -21.86
C GLN A 195 -27.92 2.08 -22.81
N GLY A 196 -28.86 2.96 -23.13
CA GLY A 196 -28.64 4.10 -24.00
C GLY A 196 -28.46 5.37 -23.21
N SER A 197 -29.02 6.46 -23.74
CA SER A 197 -29.00 7.73 -23.04
C SER A 197 -29.88 7.66 -21.80
N VAL A 198 -29.34 8.05 -20.66
CA VAL A 198 -30.07 7.98 -19.39
C VAL A 198 -30.44 9.40 -18.94
N PRO A 199 -31.67 9.62 -18.49
CA PRO A 199 -32.06 10.95 -18.03
C PRO A 199 -31.38 11.30 -16.72
N PRO A 200 -31.45 12.55 -16.29
CA PRO A 200 -30.85 12.93 -15.00
C PRO A 200 -31.45 12.12 -13.86
N VAL A 201 -30.59 11.74 -12.92
CA VAL A 201 -30.97 10.89 -11.80
C VAL A 201 -30.55 11.57 -10.51
N MET A 202 -31.48 11.64 -9.55
CA MET A 202 -31.14 12.03 -8.19
C MET A 202 -31.51 10.87 -7.27
N ALA A 203 -30.64 10.61 -6.30
CA ALA A 203 -30.79 9.47 -5.40
C ALA A 203 -30.81 9.93 -3.96
N PHE A 204 -31.75 9.38 -3.19
CA PHE A 204 -31.91 9.71 -1.78
C PHE A 204 -31.37 8.56 -0.95
N HIS A 205 -30.59 8.88 0.08
CA HIS A 205 -30.03 7.87 0.97
C HIS A 205 -30.93 7.73 2.19
N LEU A 206 -31.53 6.54 2.33
CA LEU A 206 -32.36 6.24 3.48
C LEU A 206 -31.56 5.48 4.55
N GLY A 207 -30.57 6.17 5.10
CA GLY A 207 -29.82 5.64 6.21
C GLY A 207 -28.31 5.54 6.01
N SER A 208 -27.87 5.18 4.81
CA SER A 208 -26.46 5.06 4.48
C SER A 208 -26.11 6.08 3.42
N LEU A 209 -25.20 7.01 3.74
CA LEU A 209 -24.95 8.14 2.85
C LEU A 209 -24.39 7.68 1.51
N GLY A 210 -23.41 6.78 1.53
CA GLY A 210 -22.87 6.24 0.30
C GLY A 210 -22.13 7.27 -0.54
N PHE A 211 -22.12 7.04 -1.85
CA PHE A 211 -21.51 7.95 -2.81
C PHE A 211 -22.53 8.50 -3.81
N LEU A 212 -23.36 7.64 -4.38
CA LEU A 212 -24.28 8.00 -5.44
C LEU A 212 -25.61 8.51 -4.92
N THR A 213 -25.77 8.64 -3.60
CA THR A 213 -27.01 9.10 -2.99
C THR A 213 -26.69 10.29 -2.10
N PRO A 214 -26.47 11.47 -2.67
CA PRO A 214 -26.11 12.63 -1.87
C PRO A 214 -27.30 13.29 -1.19
N PHE A 215 -28.46 13.22 -1.82
CA PHE A 215 -29.65 13.88 -1.28
C PHE A 215 -30.13 13.21 0.00
N SER A 216 -30.52 14.02 0.96
CA SER A 216 -31.11 13.57 2.20
C SER A 216 -32.63 13.62 2.09
N PHE A 217 -33.30 12.64 2.70
CA PHE A 217 -34.74 12.55 2.55
C PHE A 217 -35.46 13.70 3.23
N GLU A 218 -34.87 14.27 4.27
CA GLU A 218 -35.54 15.32 5.02
C GLU A 218 -35.81 16.55 4.14
N ASN A 219 -37.01 17.11 4.29
CA ASN A 219 -37.44 18.27 3.51
C ASN A 219 -37.30 18.02 2.01
N PHE A 220 -37.66 16.81 1.58
CA PHE A 220 -37.57 16.46 0.17
C PHE A 220 -38.53 17.28 -0.68
N GLN A 221 -39.54 17.91 -0.06
CA GLN A 221 -40.46 18.79 -0.77
C GLN A 221 -39.68 19.82 -1.57
N SER A 222 -38.87 20.63 -0.87
CA SER A 222 -38.19 21.74 -1.52
C SER A 222 -37.15 21.24 -2.52
N GLN A 223 -36.45 20.15 -2.19
CA GLN A 223 -35.43 19.64 -3.09
C GLN A 223 -36.03 19.17 -4.40
N VAL A 224 -37.14 18.42 -4.33
CA VAL A 224 -37.79 17.96 -5.55
C VAL A 224 -38.33 19.12 -6.35
N THR A 225 -38.97 20.09 -5.69
CA THR A 225 -39.48 21.25 -6.41
C THR A 225 -38.35 22.02 -7.09
N GLN A 226 -37.24 22.21 -6.38
CA GLN A 226 -36.11 22.93 -6.95
C GLN A 226 -35.52 22.21 -8.14
N VAL A 227 -35.35 20.88 -8.04
CA VAL A 227 -34.71 20.17 -9.14
C VAL A 227 -35.63 20.14 -10.36
N ILE A 228 -36.94 20.02 -10.15
CA ILE A 228 -37.85 20.04 -11.29
C ILE A 228 -37.90 21.42 -11.93
N GLU A 229 -38.13 22.45 -11.11
CA GLU A 229 -38.33 23.79 -11.65
C GLU A 229 -36.99 24.48 -11.94
N GLY A 230 -36.18 24.66 -10.91
CA GLY A 230 -34.96 25.42 -11.03
C GLY A 230 -33.83 24.63 -11.68
N ASN A 231 -32.62 25.08 -11.39
CA ASN A 231 -31.40 24.44 -11.89
C ASN A 231 -30.58 23.93 -10.73
N ALA A 232 -30.23 22.64 -10.78
CA ALA A 232 -29.30 22.03 -9.85
C ALA A 232 -27.98 21.77 -10.56
N ALA A 233 -27.05 21.14 -9.84
CA ALA A 233 -25.75 20.78 -10.40
C ALA A 233 -25.73 19.30 -10.75
N VAL A 234 -25.11 18.97 -11.86
CA VAL A 234 -25.03 17.59 -12.32
C VAL A 234 -23.58 17.22 -12.59
N VAL A 235 -23.29 15.92 -12.47
CA VAL A 235 -22.00 15.36 -12.81
C VAL A 235 -22.24 14.26 -13.84
N LEU A 236 -21.52 14.34 -14.96
CA LEU A 236 -21.65 13.34 -16.02
C LEU A 236 -20.67 12.20 -15.72
N ARG A 237 -21.11 11.29 -14.86
CA ARG A 237 -20.29 10.14 -14.51
C ARG A 237 -20.05 9.28 -15.74
N SER A 238 -18.79 8.88 -15.94
CA SER A 238 -18.44 8.08 -17.09
C SER A 238 -18.94 6.65 -16.93
N ARG A 239 -19.24 6.02 -18.06
CA ARG A 239 -19.66 4.63 -18.11
C ARG A 239 -18.82 3.91 -19.14
N LEU A 240 -18.63 2.61 -18.91
CA LEU A 240 -17.82 1.79 -19.80
C LEU A 240 -18.71 0.90 -20.65
N LYS A 241 -18.46 0.89 -21.96
CA LYS A 241 -19.09 -0.04 -22.87
C LYS A 241 -18.22 -1.28 -22.98
N VAL A 242 -18.78 -2.43 -22.61
CA VAL A 242 -18.06 -3.70 -22.61
C VAL A 242 -18.72 -4.63 -23.61
N ARG A 243 -17.92 -5.18 -24.52
CA ARG A 243 -18.40 -6.05 -25.58
C ARG A 243 -17.68 -7.39 -25.47
N VAL A 244 -18.44 -8.45 -25.27
CA VAL A 244 -17.90 -9.78 -25.03
C VAL A 244 -18.09 -10.60 -26.29
N VAL A 245 -16.99 -11.11 -26.84
CA VAL A 245 -17.01 -11.93 -28.05
C VAL A 245 -16.68 -13.36 -27.65
N LYS A 246 -17.61 -14.26 -27.93
CA LYS A 246 -17.45 -15.67 -27.60
C LYS A 246 -16.79 -16.42 -28.76
N GLN A 276 -21.85 -14.24 -31.15
CA GLN A 276 -22.77 -14.01 -30.03
C GLN A 276 -22.30 -12.83 -29.17
N ALA A 277 -21.91 -11.75 -29.83
CA ALA A 277 -21.44 -10.56 -29.12
C ALA A 277 -22.58 -9.92 -28.34
N MET A 278 -22.29 -9.52 -27.10
CA MET A 278 -23.25 -8.82 -26.27
C MET A 278 -22.62 -7.54 -25.75
N GLN A 279 -23.42 -6.48 -25.67
CA GLN A 279 -22.97 -5.18 -25.17
C GLN A 279 -23.56 -4.95 -23.78
N TYR A 280 -22.70 -4.51 -22.86
CA TYR A 280 -23.11 -4.14 -21.52
C TYR A 280 -22.57 -2.77 -21.18
N GLN A 281 -23.27 -2.07 -20.30
CA GLN A 281 -22.84 -0.78 -19.79
C GLN A 281 -22.53 -0.92 -18.31
N VAL A 282 -21.33 -0.46 -17.93
CA VAL A 282 -20.82 -0.64 -16.57
C VAL A 282 -20.60 0.73 -15.96
N LEU A 283 -21.10 0.91 -14.73
CA LEU A 283 -20.93 2.16 -14.00
C LEU A 283 -19.78 2.11 -13.02
N ASN A 284 -19.70 1.06 -12.20
CA ASN A 284 -18.69 1.04 -11.13
C ASN A 284 -17.41 0.32 -11.56
N GLU A 285 -17.51 -0.96 -11.92
CA GLU A 285 -16.31 -1.68 -12.36
C GLU A 285 -16.71 -2.95 -13.08
N VAL A 286 -15.79 -3.48 -13.86
CA VAL A 286 -15.86 -4.83 -14.41
C VAL A 286 -14.69 -5.62 -13.85
N VAL A 287 -14.98 -6.79 -13.30
CA VAL A 287 -14.00 -7.60 -12.58
C VAL A 287 -13.82 -8.91 -13.32
N ILE A 288 -12.59 -9.21 -13.70
CA ILE A 288 -12.25 -10.48 -14.34
C ILE A 288 -11.39 -11.25 -13.33
N ASP A 289 -11.94 -12.32 -12.79
CA ASP A 289 -11.39 -12.97 -11.62
C ASP A 289 -11.71 -14.47 -11.68
N ARG A 290 -11.55 -15.15 -10.55
CA ARG A 290 -11.93 -16.55 -10.42
C ARG A 290 -13.44 -16.65 -10.21
N GLY A 291 -13.92 -17.83 -9.85
CA GLY A 291 -15.33 -18.08 -9.75
C GLY A 291 -15.63 -19.44 -9.13
N PRO A 292 -16.61 -20.15 -9.69
CA PRO A 292 -16.93 -21.49 -9.15
C PRO A 292 -15.72 -22.40 -9.04
N SER A 293 -14.84 -22.37 -10.04
CA SER A 293 -13.50 -22.92 -9.88
C SER A 293 -12.56 -21.83 -9.39
N SER A 294 -11.49 -22.22 -8.71
CA SER A 294 -10.60 -21.21 -8.13
C SER A 294 -9.17 -21.74 -8.16
N TYR A 295 -8.45 -21.35 -9.21
CA TYR A 295 -7.00 -21.44 -9.31
C TYR A 295 -6.45 -20.07 -9.69
N LEU A 296 -5.13 -19.96 -9.76
CA LEU A 296 -4.49 -18.69 -10.07
C LEU A 296 -4.74 -18.35 -11.53
N SER A 297 -5.52 -17.30 -11.79
CA SER A 297 -5.81 -16.87 -13.14
C SER A 297 -4.60 -16.15 -13.75
N ASN A 298 -4.54 -16.13 -15.07
CA ASN A 298 -3.46 -15.46 -15.80
C ASN A 298 -4.04 -14.97 -17.12
N VAL A 299 -4.30 -13.67 -17.21
CA VAL A 299 -5.01 -13.11 -18.36
C VAL A 299 -4.21 -11.96 -18.97
N ASP A 300 -4.21 -11.89 -20.29
CA ASP A 300 -3.52 -10.85 -21.04
C ASP A 300 -4.41 -9.64 -21.24
N VAL A 301 -3.83 -8.44 -21.11
CA VAL A 301 -4.52 -7.19 -21.37
C VAL A 301 -3.80 -6.52 -22.53
N TYR A 302 -4.52 -6.29 -23.63
CA TYR A 302 -4.02 -5.56 -24.78
C TYR A 302 -4.61 -4.16 -24.77
N LEU A 303 -3.81 -3.18 -25.17
CA LEU A 303 -4.23 -1.78 -25.16
C LEU A 303 -3.86 -1.18 -26.50
N ASP A 304 -4.88 -0.92 -27.34
CA ASP A 304 -4.69 -0.52 -28.73
C ASP A 304 -3.88 -1.55 -29.51
N GLY A 305 -4.07 -2.83 -29.19
CA GLY A 305 -3.42 -3.90 -29.91
C GLY A 305 -2.03 -4.24 -29.43
N HIS A 306 -1.48 -3.49 -28.48
CA HIS A 306 -0.17 -3.78 -27.91
C HIS A 306 -0.35 -4.47 -26.57
N LEU A 307 0.30 -5.62 -26.39
CA LEU A 307 0.20 -6.37 -25.14
C LEU A 307 0.94 -5.60 -24.06
N ILE A 308 0.20 -4.94 -23.18
CA ILE A 308 0.83 -4.12 -22.15
C ILE A 308 1.25 -4.98 -20.96
N THR A 309 0.43 -5.96 -20.58
CA THR A 309 0.77 -6.79 -19.43
C THR A 309 -0.02 -8.09 -19.46
N THR A 310 0.51 -9.06 -18.74
CA THR A 310 -0.22 -10.25 -18.33
C THR A 310 -0.35 -10.19 -16.82
N VAL A 311 -1.57 -10.33 -16.31
CA VAL A 311 -1.84 -10.20 -14.90
C VAL A 311 -2.17 -11.57 -14.33
N GLN A 312 -1.52 -11.92 -13.24
CA GLN A 312 -1.74 -13.11 -12.45
C GLN A 312 -2.38 -12.70 -11.13
N GLY A 313 -2.58 -13.68 -10.25
CA GLY A 313 -3.25 -13.40 -8.98
C GLY A 313 -4.74 -13.59 -9.07
N ASP A 314 -5.49 -12.88 -8.23
CA ASP A 314 -6.93 -13.12 -8.16
C ASP A 314 -7.70 -12.47 -9.29
N GLY A 315 -7.11 -11.55 -10.03
CA GLY A 315 -7.76 -11.01 -11.20
C GLY A 315 -7.50 -9.52 -11.34
N VAL A 316 -8.26 -8.91 -12.25
CA VAL A 316 -8.09 -7.50 -12.60
C VAL A 316 -9.44 -6.80 -12.53
N ILE A 317 -9.40 -5.51 -12.24
CA ILE A 317 -10.57 -4.64 -12.17
C ILE A 317 -10.35 -3.49 -13.14
N VAL A 318 -11.30 -3.30 -14.05
CA VAL A 318 -11.31 -2.16 -14.96
C VAL A 318 -12.50 -1.30 -14.57
N SER A 319 -12.23 -0.09 -14.09
CA SER A 319 -13.26 0.69 -13.41
C SER A 319 -13.30 2.12 -13.93
N THR A 320 -14.46 2.73 -13.75
CA THR A 320 -14.67 4.16 -14.00
C THR A 320 -14.22 4.96 -12.80
N PRO A 321 -14.08 6.28 -12.94
CA PRO A 321 -13.86 7.12 -11.76
C PRO A 321 -14.96 7.00 -10.74
N THR A 322 -16.21 6.73 -11.17
CA THR A 322 -17.30 6.53 -10.23
C THR A 322 -17.03 5.30 -9.36
N GLY A 323 -16.51 4.25 -9.95
CA GLY A 323 -16.18 3.04 -9.24
C GLY A 323 -14.83 3.04 -8.57
N SER A 324 -14.13 4.18 -8.60
CA SER A 324 -12.85 4.27 -7.92
C SER A 324 -13.00 4.10 -6.41
N THR A 325 -14.14 4.52 -5.87
CA THR A 325 -14.48 4.29 -4.47
C THR A 325 -15.19 2.97 -4.24
N ALA A 326 -15.51 2.25 -5.32
CA ALA A 326 -16.08 0.91 -5.27
C ALA A 326 -14.97 -0.11 -5.03
N TYR A 327 -15.27 -1.39 -5.29
CA TYR A 327 -14.37 -2.52 -5.06
C TYR A 327 -12.92 -2.21 -5.45
N ALA A 328 -12.73 -1.41 -6.50
CA ALA A 328 -11.38 -1.01 -6.88
C ALA A 328 -10.64 -0.33 -5.73
N ALA A 329 -11.36 0.44 -4.91
CA ALA A 329 -10.73 1.08 -3.76
C ALA A 329 -10.20 0.05 -2.76
N ALA A 330 -10.96 -1.03 -2.56
CA ALA A 330 -10.52 -2.07 -1.64
C ALA A 330 -9.22 -2.72 -2.07
N ALA A 331 -8.89 -2.66 -3.36
CA ALA A 331 -7.69 -3.29 -3.89
C ALA A 331 -6.49 -2.35 -3.92
N GLY A 332 -6.47 -1.35 -3.03
CA GLY A 332 -5.37 -0.41 -2.97
C GLY A 332 -5.21 0.49 -4.18
N ALA A 333 -6.32 1.07 -4.65
CA ALA A 333 -6.30 1.97 -5.80
C ALA A 333 -6.71 3.36 -5.37
N SER A 334 -6.16 4.36 -6.05
CA SER A 334 -6.40 5.75 -5.70
C SER A 334 -7.83 6.15 -6.03
N MET A 335 -8.38 7.05 -5.22
CA MET A 335 -9.73 7.54 -5.44
C MET A 335 -9.71 8.67 -6.47
N ILE A 336 -10.64 8.62 -7.41
CA ILE A 336 -10.67 9.53 -8.55
C ILE A 336 -12.00 10.27 -8.58
N HIS A 337 -11.94 11.58 -8.72
CA HIS A 337 -13.14 12.39 -8.86
C HIS A 337 -13.85 12.04 -10.17
N PRO A 338 -15.19 12.02 -10.17
CA PRO A 338 -15.91 11.61 -11.40
C PRO A 338 -15.73 12.54 -12.58
N ASN A 339 -15.14 13.72 -12.40
CA ASN A 339 -14.91 14.63 -13.51
C ASN A 339 -13.61 14.38 -14.26
N VAL A 340 -12.79 13.43 -13.80
CA VAL A 340 -11.53 13.10 -14.45
C VAL A 340 -11.80 11.99 -15.46
N PRO A 341 -11.62 12.23 -16.75
CA PRO A 341 -11.84 11.17 -17.74
C PRO A 341 -10.67 10.20 -17.78
N ALA A 342 -10.91 8.99 -17.27
CA ALA A 342 -9.85 7.98 -17.21
C ALA A 342 -10.49 6.61 -17.03
N ILE A 343 -9.68 5.58 -17.23
CA ILE A 343 -10.06 4.19 -17.00
C ILE A 343 -9.03 3.56 -16.09
N MET A 344 -9.49 2.96 -14.99
CA MET A 344 -8.58 2.41 -13.98
C MET A 344 -8.37 0.92 -14.22
N ILE A 345 -7.11 0.51 -14.24
CA ILE A 345 -6.72 -0.89 -14.21
C ILE A 345 -6.08 -1.15 -12.85
N THR A 346 -6.69 -2.06 -12.08
CA THR A 346 -6.25 -2.34 -10.73
C THR A 346 -6.13 -3.84 -10.53
N PRO A 347 -5.12 -4.30 -9.81
CA PRO A 347 -4.99 -5.74 -9.55
C PRO A 347 -5.86 -6.17 -8.37
N ILE A 348 -6.01 -7.48 -8.22
CA ILE A 348 -6.59 -8.09 -7.03
C ILE A 348 -5.57 -9.08 -6.54
N CYS A 349 -4.80 -8.71 -5.51
CA CYS A 349 -3.74 -9.53 -4.96
C CYS A 349 -2.79 -10.01 -6.06
N PRO A 350 -2.04 -9.12 -6.69
CA PRO A 350 -1.12 -9.55 -7.75
C PRO A 350 0.06 -10.33 -7.18
N HIS A 351 0.48 -11.36 -7.92
CA HIS A 351 1.60 -12.17 -7.48
C HIS A 351 2.94 -11.44 -7.58
N SER A 352 2.97 -10.29 -8.24
CA SER A 352 4.18 -9.48 -8.32
C SER A 352 4.07 -8.31 -7.36
N LEU A 353 5.12 -8.07 -6.60
CA LEU A 353 5.11 -6.99 -5.61
C LEU A 353 5.10 -5.61 -6.24
N SER A 354 5.32 -5.50 -7.55
CA SER A 354 5.48 -4.21 -8.20
C SER A 354 4.26 -3.79 -9.03
N PHE A 355 3.28 -4.66 -9.23
CA PHE A 355 2.15 -4.33 -10.09
C PHE A 355 1.25 -3.36 -9.33
N ARG A 356 1.41 -2.08 -9.60
CA ARG A 356 0.68 -0.99 -8.96
C ARG A 356 -0.44 -0.51 -9.87
N PRO A 357 -1.60 -0.16 -9.33
CA PRO A 357 -2.73 0.24 -10.18
C PRO A 357 -2.38 1.44 -11.05
N ILE A 358 -2.93 1.45 -12.26
CA ILE A 358 -2.66 2.49 -13.25
C ILE A 358 -3.98 3.02 -13.77
N VAL A 359 -3.90 4.18 -14.43
CA VAL A 359 -5.04 4.73 -15.15
C VAL A 359 -4.60 5.03 -16.57
N VAL A 360 -5.54 4.93 -17.50
CA VAL A 360 -5.28 5.12 -18.93
C VAL A 360 -6.29 6.12 -19.47
N PRO A 361 -5.99 6.75 -20.60
CA PRO A 361 -6.92 7.75 -21.14
C PRO A 361 -8.28 7.14 -21.44
N ALA A 362 -9.31 7.99 -21.38
CA ALA A 362 -10.67 7.52 -21.54
C ALA A 362 -10.90 6.92 -22.93
N GLY A 363 -10.30 7.49 -23.95
CA GLY A 363 -10.59 7.10 -25.31
C GLY A 363 -9.90 5.85 -25.81
N VAL A 364 -9.13 5.18 -24.96
CA VAL A 364 -8.37 4.01 -25.41
C VAL A 364 -9.26 2.78 -25.28
N GLU A 365 -8.94 1.76 -26.09
CA GLU A 365 -9.72 0.53 -26.17
C GLU A 365 -8.92 -0.60 -25.51
N LEU A 366 -9.44 -1.14 -24.41
CA LEU A 366 -8.82 -2.27 -23.74
C LEU A 366 -9.41 -3.56 -24.30
N LYS A 367 -8.59 -4.61 -24.33
CA LYS A 367 -9.05 -5.92 -24.78
C LYS A 367 -8.42 -6.97 -23.88
N ILE A 368 -9.24 -7.61 -23.04
CA ILE A 368 -8.75 -8.60 -22.10
C ILE A 368 -9.14 -9.98 -22.60
N MET A 369 -8.19 -10.91 -22.57
CA MET A 369 -8.46 -12.27 -23.00
C MET A 369 -7.49 -13.22 -22.33
N LEU A 370 -7.87 -14.49 -22.28
CA LEU A 370 -7.01 -15.50 -21.67
C LEU A 370 -5.71 -15.61 -22.44
N SER A 371 -4.60 -15.70 -21.70
CA SER A 371 -3.33 -16.00 -22.33
C SER A 371 -3.37 -17.41 -22.90
N PRO A 372 -2.84 -17.64 -24.10
CA PRO A 372 -2.91 -18.98 -24.68
C PRO A 372 -1.89 -19.92 -24.08
N GLU A 373 -1.78 -19.91 -22.75
CA GLU A 373 -0.93 -20.85 -22.03
C GLU A 373 -1.61 -21.45 -20.80
N ALA A 374 -2.72 -20.90 -20.33
CA ALA A 374 -3.28 -21.26 -19.04
C ALA A 374 -4.64 -21.91 -19.20
N ARG A 375 -4.88 -22.96 -18.42
CA ARG A 375 -6.18 -23.58 -18.25
C ARG A 375 -6.93 -22.85 -17.15
N ASN A 376 -8.05 -23.41 -16.68
CA ASN A 376 -8.83 -22.83 -15.58
C ASN A 376 -9.33 -21.42 -15.95
N THR A 377 -10.19 -21.42 -16.96
CA THR A 377 -10.74 -20.22 -17.57
C THR A 377 -11.37 -19.28 -16.54
N ALA A 378 -11.49 -18.00 -16.88
CA ALA A 378 -11.80 -16.95 -15.91
C ALA A 378 -13.30 -16.64 -15.92
N TRP A 379 -13.70 -15.73 -15.03
CA TRP A 379 -15.09 -15.30 -14.94
C TRP A 379 -15.15 -13.78 -14.86
N VAL A 380 -16.09 -13.19 -15.59
CA VAL A 380 -16.22 -11.74 -15.68
C VAL A 380 -17.55 -11.34 -15.06
N SER A 381 -17.51 -10.30 -14.22
CA SER A 381 -18.66 -9.75 -13.55
C SER A 381 -18.76 -8.25 -13.85
N PHE A 382 -19.99 -7.77 -14.01
CA PHE A 382 -20.29 -6.40 -14.39
C PHE A 382 -21.06 -5.73 -13.25
N ASP A 383 -20.35 -5.01 -12.38
CA ASP A 383 -20.96 -4.31 -11.25
C ASP A 383 -21.78 -5.26 -10.38
N GLY A 384 -21.21 -6.43 -10.06
CA GLY A 384 -21.91 -7.37 -9.21
C GLY A 384 -23.17 -7.92 -9.86
N ARG A 385 -23.05 -8.41 -11.08
CA ARG A 385 -24.18 -8.89 -11.87
C ARG A 385 -23.73 -10.17 -12.56
N LYS A 386 -24.52 -10.60 -13.55
CA LYS A 386 -24.36 -11.92 -14.15
C LYS A 386 -22.90 -12.19 -14.52
N ARG A 387 -22.34 -13.23 -13.89
CA ARG A 387 -20.95 -13.62 -14.09
C ARG A 387 -20.88 -14.60 -15.25
N GLN A 388 -20.18 -14.22 -16.31
CA GLN A 388 -20.03 -15.07 -17.49
C GLN A 388 -18.64 -15.67 -17.50
N GLU A 389 -18.55 -16.95 -17.83
CA GLU A 389 -17.27 -17.63 -17.89
C GLU A 389 -16.61 -17.35 -19.23
N ILE A 390 -15.40 -16.79 -19.20
CA ILE A 390 -14.62 -16.52 -20.39
C ILE A 390 -13.53 -17.57 -20.52
N ARG A 391 -13.45 -18.18 -21.69
CA ARG A 391 -12.53 -19.26 -22.01
C ARG A 391 -11.64 -18.83 -23.18
N HIS A 392 -10.83 -19.77 -23.66
CA HIS A 392 -9.97 -19.49 -24.81
C HIS A 392 -10.82 -19.08 -26.01
N GLY A 393 -10.36 -18.06 -26.72
CA GLY A 393 -11.09 -17.52 -27.83
C GLY A 393 -12.10 -16.44 -27.47
N ASP A 394 -12.33 -16.21 -26.19
CA ASP A 394 -13.22 -15.14 -25.75
C ASP A 394 -12.43 -13.85 -25.60
N SER A 395 -13.08 -12.73 -25.92
CA SER A 395 -12.45 -11.42 -25.76
C SER A 395 -13.42 -10.48 -25.07
N ILE A 396 -12.87 -9.57 -24.28
CA ILE A 396 -13.66 -8.57 -23.57
C ILE A 396 -13.10 -7.20 -23.94
N SER A 397 -13.86 -6.44 -24.72
CA SER A 397 -13.41 -5.13 -25.19
C SER A 397 -14.08 -4.05 -24.35
N ILE A 398 -13.27 -3.18 -23.76
CA ILE A 398 -13.74 -2.14 -22.86
C ILE A 398 -13.38 -0.79 -23.44
N THR A 399 -14.37 0.09 -23.57
CA THR A 399 -14.13 1.45 -24.01
C THR A 399 -14.98 2.40 -23.18
N THR A 400 -14.70 3.69 -23.30
CA THR A 400 -15.50 4.69 -22.60
C THR A 400 -16.77 4.95 -23.39
N SER A 401 -17.92 4.68 -22.78
CA SER A 401 -19.19 4.82 -23.47
C SER A 401 -19.47 6.29 -23.79
N CYS A 402 -20.28 6.50 -24.82
CA CYS A 402 -20.68 7.82 -25.23
C CYS A 402 -21.94 8.30 -24.52
N TYR A 403 -22.45 7.52 -23.57
CA TYR A 403 -23.74 7.77 -22.93
C TYR A 403 -23.51 7.83 -21.42
N PRO A 404 -23.01 8.95 -20.90
CA PRO A 404 -22.71 9.04 -19.47
C PRO A 404 -23.98 9.14 -18.63
N LEU A 405 -23.79 9.03 -17.33
CA LEU A 405 -24.91 9.10 -16.38
C LEU A 405 -24.89 10.45 -15.67
N PRO A 406 -25.89 11.30 -15.87
CA PRO A 406 -25.96 12.55 -15.10
C PRO A 406 -26.52 12.32 -13.71
N SER A 407 -25.68 12.49 -12.70
CA SER A 407 -26.07 12.36 -11.31
C SER A 407 -26.16 13.75 -10.69
N ILE A 408 -27.25 14.03 -9.99
CA ILE A 408 -27.52 15.35 -9.45
C ILE A 408 -26.89 15.47 -8.07
N CYS A 409 -26.12 16.53 -7.86
CA CYS A 409 -25.40 16.74 -6.61
C CYS A 409 -26.11 17.80 -5.77
N VAL A 410 -25.92 17.70 -4.45
CA VAL A 410 -26.63 18.60 -3.53
C VAL A 410 -26.12 20.02 -3.66
N ARG A 411 -24.79 20.21 -3.64
CA ARG A 411 -24.22 21.54 -3.72
C ARG A 411 -23.35 21.72 -4.96
N ASP A 412 -22.37 20.84 -5.16
CA ASP A 412 -21.45 20.88 -6.29
C ASP A 412 -20.59 19.63 -6.22
N PRO A 413 -19.99 19.21 -7.35
CA PRO A 413 -19.29 17.92 -7.36
C PRO A 413 -18.18 17.80 -6.32
N VAL A 414 -17.40 18.86 -6.11
CA VAL A 414 -16.19 18.73 -5.30
C VAL A 414 -16.54 18.52 -3.83
N SER A 415 -17.36 19.41 -3.26
CA SER A 415 -17.70 19.30 -1.85
C SER A 415 -18.50 18.03 -1.59
N ASP A 416 -19.42 17.69 -2.50
CA ASP A 416 -20.21 16.48 -2.33
C ASP A 416 -19.31 15.25 -2.33
N TRP A 417 -18.37 15.18 -3.26
CA TRP A 417 -17.47 14.03 -3.32
C TRP A 417 -16.61 13.93 -2.06
N PHE A 418 -16.11 15.06 -1.57
CA PHE A 418 -15.24 15.01 -0.41
C PHE A 418 -16.02 14.70 0.86
N GLU A 419 -17.25 15.20 0.97
CA GLU A 419 -18.11 14.84 2.09
C GLU A 419 -18.42 13.35 2.07
N SER A 420 -18.69 12.80 0.89
CA SER A 420 -18.91 11.36 0.77
C SER A 420 -17.67 10.58 1.21
N LEU A 421 -16.49 11.05 0.79
CA LEU A 421 -15.26 10.38 1.18
C LEU A 421 -15.05 10.42 2.68
N ALA A 422 -15.32 11.56 3.30
CA ALA A 422 -15.14 11.70 4.74
C ALA A 422 -16.13 10.83 5.51
N GLN A 423 -17.39 10.77 5.06
CA GLN A 423 -18.44 10.14 5.83
C GLN A 423 -18.55 8.63 5.58
N CYS A 424 -18.17 8.14 4.41
CA CYS A 424 -18.40 6.74 4.07
C CYS A 424 -17.22 5.84 4.41
N LEU A 425 -16.03 6.13 3.87
CA LEU A 425 -14.84 5.35 4.14
C LEU A 425 -13.87 6.01 5.12
N HIS A 426 -14.26 7.12 5.74
CA HIS A 426 -13.42 7.79 6.74
C HIS A 426 -12.04 8.11 6.16
N TRP A 427 -12.04 8.95 5.13
CA TRP A 427 -10.86 9.13 4.31
C TRP A 427 -9.69 9.71 5.10
N ASN A 428 -9.91 10.82 5.80
CA ASN A 428 -8.84 11.46 6.56
C ASN A 428 -9.34 11.90 7.93
N VAL A 429 -10.09 11.05 8.61
CA VAL A 429 -10.56 11.37 9.95
C VAL A 429 -9.40 11.17 10.92
N ARG A 430 -9.12 12.20 11.72
CA ARG A 430 -8.05 12.12 12.71
C ARG A 430 -8.18 13.23 13.75
N GLN B 96 21.60 -26.92 17.09
CA GLN B 96 21.00 -25.87 16.28
C GLN B 96 21.01 -26.23 14.79
N ARG B 97 22.06 -26.93 14.36
CA ARG B 97 22.26 -27.18 12.93
C ARG B 97 21.65 -28.50 12.50
N LEU B 98 22.13 -29.61 13.08
CA LEU B 98 21.55 -30.92 12.81
C LEU B 98 21.96 -31.92 13.87
N THR B 99 21.00 -32.44 14.63
CA THR B 99 21.27 -33.43 15.68
C THR B 99 20.84 -34.80 15.18
N TRP B 100 21.77 -35.51 14.54
CA TRP B 100 21.53 -36.91 14.16
C TRP B 100 21.88 -37.80 15.33
N ASN B 101 20.86 -38.31 16.02
CA ASN B 101 21.10 -39.30 17.06
C ASN B 101 21.69 -40.57 16.47
N LYS B 102 21.11 -41.04 15.36
CA LYS B 102 21.61 -42.18 14.62
C LYS B 102 21.67 -41.82 13.15
N SER B 103 22.66 -42.36 12.44
CA SER B 103 22.79 -42.09 11.02
C SER B 103 21.51 -42.48 10.29
N PRO B 104 20.92 -41.59 9.49
CA PRO B 104 19.62 -41.90 8.90
C PRO B 104 19.72 -43.04 7.89
N LYS B 105 18.72 -43.92 7.92
CA LYS B 105 18.65 -45.06 7.02
C LYS B 105 17.46 -45.01 6.07
N SER B 106 16.63 -43.98 6.14
CA SER B 106 15.42 -43.91 5.33
C SER B 106 15.29 -42.56 4.66
N VAL B 107 14.90 -42.58 3.38
CA VAL B 107 14.61 -41.38 2.60
C VAL B 107 13.22 -41.52 2.00
N LEU B 108 12.41 -40.47 2.14
CA LEU B 108 11.15 -40.38 1.43
C LEU B 108 11.29 -39.31 0.36
N VAL B 109 11.19 -39.73 -0.90
CA VAL B 109 11.36 -38.83 -2.03
C VAL B 109 9.98 -38.51 -2.58
N ILE B 110 9.62 -37.24 -2.55
CA ILE B 110 8.30 -36.78 -2.97
C ILE B 110 8.47 -36.08 -4.31
N LYS B 111 7.69 -36.50 -5.31
CA LYS B 111 7.79 -35.96 -6.65
C LYS B 111 6.51 -35.20 -6.99
N LYS B 112 6.66 -34.12 -7.76
CA LYS B 112 5.52 -33.30 -8.15
C LYS B 112 4.48 -34.11 -8.92
N MET B 113 4.92 -35.10 -9.69
CA MET B 113 4.06 -35.97 -10.49
C MET B 113 3.42 -35.19 -11.64
N ARG B 114 3.04 -35.89 -12.70
CA ARG B 114 2.48 -35.26 -13.90
C ARG B 114 3.42 -34.23 -14.49
N ASP B 115 4.72 -34.55 -14.48
CA ASP B 115 5.73 -33.68 -15.06
C ASP B 115 6.88 -34.56 -15.54
N ALA B 116 7.14 -34.53 -16.85
CA ALA B 116 8.17 -35.40 -17.42
C ALA B 116 9.57 -34.91 -17.10
N SER B 117 9.73 -33.60 -16.89
CA SER B 117 11.07 -33.03 -16.70
C SER B 117 11.75 -33.57 -15.45
N LEU B 118 10.98 -34.05 -14.47
CA LEU B 118 11.56 -34.52 -13.22
C LEU B 118 11.98 -35.99 -13.27
N LEU B 119 11.70 -36.69 -14.37
CA LEU B 119 11.96 -38.13 -14.41
C LEU B 119 13.45 -38.43 -14.28
N GLN B 120 14.27 -37.81 -15.12
CA GLN B 120 15.71 -38.09 -15.07
C GLN B 120 16.35 -37.68 -13.76
N PRO B 121 16.12 -36.49 -13.20
CA PRO B 121 16.67 -36.19 -11.87
C PRO B 121 16.16 -37.13 -10.81
N PHE B 122 14.89 -37.55 -10.88
CA PHE B 122 14.38 -38.53 -9.94
C PHE B 122 15.17 -39.83 -10.03
N LYS B 123 15.42 -40.30 -11.25
CA LYS B 123 16.20 -41.52 -11.44
C LYS B 123 17.59 -41.37 -10.83
N GLU B 124 18.26 -40.26 -11.13
CA GLU B 124 19.63 -40.07 -10.64
C GLU B 124 19.67 -40.01 -9.12
N LEU B 125 18.73 -39.26 -8.52
CA LEU B 125 18.69 -39.16 -7.07
C LEU B 125 18.41 -40.51 -6.43
N CYS B 126 17.47 -41.27 -6.99
CA CYS B 126 17.15 -42.56 -6.41
C CYS B 126 18.32 -43.53 -6.51
N THR B 127 19.03 -43.53 -7.64
CA THR B 127 20.21 -44.38 -7.77
C THR B 127 21.28 -43.97 -6.76
N HIS B 128 21.52 -42.67 -6.62
CA HIS B 128 22.56 -42.23 -5.69
C HIS B 128 22.19 -42.50 -4.24
N LEU B 129 20.89 -42.49 -3.93
CA LEU B 129 20.48 -42.81 -2.57
C LEU B 129 20.56 -44.31 -2.30
N MET B 130 20.18 -45.13 -3.28
CA MET B 130 20.22 -46.57 -3.10
C MET B 130 21.64 -47.11 -3.05
N GLU B 131 22.55 -46.52 -3.83
CA GLU B 131 23.91 -47.05 -3.88
C GLU B 131 24.61 -46.95 -2.53
N GLU B 132 24.26 -45.96 -1.71
CA GLU B 132 24.86 -45.86 -0.38
C GLU B 132 24.01 -46.58 0.67
N ASN B 133 23.69 -47.84 0.38
CA ASN B 133 23.11 -48.79 1.34
C ASN B 133 22.05 -48.17 2.24
N MET B 134 21.19 -47.31 1.71
CA MET B 134 20.20 -46.61 2.52
C MET B 134 18.82 -46.80 1.92
N ILE B 135 17.84 -47.12 2.77
CA ILE B 135 16.50 -47.46 2.31
C ILE B 135 15.81 -46.22 1.76
N VAL B 136 15.13 -46.39 0.63
CA VAL B 136 14.43 -45.29 -0.04
C VAL B 136 12.95 -45.61 -0.07
N TYR B 137 12.13 -44.66 0.40
CA TYR B 137 10.68 -44.79 0.40
C TYR B 137 10.07 -43.90 -0.67
N VAL B 138 9.10 -44.44 -1.40
CA VAL B 138 8.35 -43.71 -2.42
C VAL B 138 6.87 -44.07 -2.24
N GLU B 139 6.00 -43.07 -2.40
CA GLU B 139 4.57 -43.34 -2.30
C GLU B 139 4.10 -44.31 -3.38
N LYS B 140 3.06 -45.06 -3.06
CA LYS B 140 2.53 -46.04 -4.01
C LYS B 140 2.02 -45.37 -5.28
N LYS B 141 1.33 -44.23 -5.13
CA LYS B 141 0.83 -43.52 -6.29
C LYS B 141 1.94 -42.95 -7.15
N VAL B 142 3.15 -42.80 -6.60
CA VAL B 142 4.26 -42.29 -7.39
C VAL B 142 4.91 -43.42 -8.19
N LEU B 143 5.08 -44.59 -7.59
CA LEU B 143 5.63 -45.74 -8.30
C LEU B 143 4.55 -46.55 -9.01
N GLU B 144 3.72 -45.84 -9.79
CA GLU B 144 2.78 -46.52 -10.68
C GLU B 144 2.68 -45.84 -12.03
N ASP B 145 3.48 -44.81 -12.30
CA ASP B 145 3.34 -44.04 -13.53
C ASP B 145 3.70 -44.90 -14.75
N PRO B 146 3.08 -44.63 -15.90
CA PRO B 146 3.50 -45.30 -17.13
C PRO B 146 4.96 -45.04 -17.47
N ALA B 147 5.47 -43.84 -17.18
CA ALA B 147 6.87 -43.54 -17.47
C ALA B 147 7.80 -44.39 -16.63
N ILE B 148 7.49 -44.57 -15.35
CA ILE B 148 8.34 -45.40 -14.50
C ILE B 148 8.12 -46.89 -14.76
N ALA B 149 6.96 -47.28 -15.25
CA ALA B 149 6.72 -48.68 -15.59
C ALA B 149 7.44 -49.08 -16.87
N SER B 150 7.42 -48.20 -17.89
CA SER B 150 8.01 -48.55 -19.18
C SER B 150 9.52 -48.70 -19.09
N ASP B 151 10.18 -47.85 -18.30
CA ASP B 151 11.64 -47.85 -18.23
C ASP B 151 12.10 -49.08 -17.46
N GLU B 152 12.53 -50.11 -18.20
CA GLU B 152 13.03 -51.33 -17.57
C GLU B 152 14.42 -51.14 -16.98
N SER B 153 15.19 -50.19 -17.51
CA SER B 153 16.55 -49.96 -17.01
C SER B 153 16.52 -49.56 -15.54
N PHE B 154 15.57 -48.71 -15.16
CA PHE B 154 15.43 -48.33 -13.76
C PHE B 154 14.81 -49.44 -12.91
N GLY B 155 14.21 -50.44 -13.56
CA GLY B 155 13.53 -51.48 -12.80
C GLY B 155 14.41 -52.19 -11.81
N ALA B 156 15.72 -52.27 -12.10
CA ALA B 156 16.65 -52.91 -11.19
C ALA B 156 16.59 -52.31 -9.79
N VAL B 157 16.32 -51.00 -9.68
CA VAL B 157 16.15 -50.37 -8.38
C VAL B 157 14.70 -50.14 -8.03
N LYS B 158 13.77 -50.33 -8.97
CA LYS B 158 12.36 -50.17 -8.65
C LYS B 158 11.91 -51.22 -7.63
N LYS B 159 12.43 -52.44 -7.75
CA LYS B 159 12.07 -53.49 -6.80
C LYS B 159 12.50 -53.13 -5.39
N LYS B 160 13.68 -52.51 -5.24
CA LYS B 160 14.19 -52.17 -3.93
C LYS B 160 13.45 -51.01 -3.28
N PHE B 161 12.56 -50.33 -4.00
CA PHE B 161 11.79 -49.23 -3.43
C PHE B 161 10.80 -49.78 -2.40
N CYS B 162 10.95 -49.38 -1.15
CA CYS B 162 10.02 -49.76 -0.09
C CYS B 162 8.91 -48.72 -0.03
N THR B 163 7.68 -49.13 -0.32
CA THR B 163 6.57 -48.20 -0.37
C THR B 163 6.26 -47.64 1.01
N PHE B 164 5.56 -46.52 1.02
CA PHE B 164 5.21 -45.83 2.27
C PHE B 164 3.72 -45.97 2.58
N ASN B 173 6.39 -42.21 10.72
CA ASN B 173 7.06 -42.76 11.89
C ASN B 173 8.37 -43.48 11.53
N GLN B 174 8.39 -44.10 10.35
CA GLN B 174 9.57 -44.80 9.89
C GLN B 174 10.49 -43.95 9.04
N ILE B 175 10.03 -42.81 8.56
CA ILE B 175 10.84 -41.92 7.74
C ILE B 175 11.76 -41.11 8.62
N ASP B 176 13.00 -40.90 8.18
CA ASP B 176 13.96 -40.10 8.92
C ASP B 176 14.53 -38.94 8.12
N PHE B 177 14.22 -38.83 6.84
CA PHE B 177 14.78 -37.77 6.00
C PHE B 177 14.00 -37.67 4.70
N ILE B 178 13.61 -36.46 4.31
CA ILE B 178 12.71 -36.24 3.18
C ILE B 178 13.41 -35.37 2.16
N ILE B 179 13.34 -35.77 0.89
CA ILE B 179 13.87 -35.01 -0.23
C ILE B 179 12.72 -34.65 -1.16
N CYS B 180 12.57 -33.37 -1.47
CA CYS B 180 11.51 -32.88 -2.32
C CYS B 180 12.07 -32.41 -3.64
N LEU B 181 11.48 -32.88 -4.74
CA LEU B 181 11.87 -32.49 -6.09
C LEU B 181 10.70 -31.74 -6.72
N GLY B 182 10.82 -30.42 -6.77
CA GLY B 182 9.77 -29.57 -7.28
C GLY B 182 9.90 -28.19 -6.68
N GLY B 183 8.92 -27.34 -7.00
CA GLY B 183 8.97 -26.00 -6.45
C GLY B 183 7.74 -25.56 -5.70
N ASP B 184 7.89 -25.34 -4.40
CA ASP B 184 6.92 -24.67 -3.54
C ASP B 184 5.60 -25.42 -3.46
N GLY B 185 5.49 -26.58 -4.09
CA GLY B 185 4.30 -27.39 -3.98
C GLY B 185 4.61 -28.74 -3.39
N THR B 186 5.84 -29.21 -3.63
CA THR B 186 6.24 -30.50 -3.10
C THR B 186 6.36 -30.45 -1.58
N LEU B 187 6.88 -29.35 -1.04
CA LEU B 187 7.03 -29.24 0.40
C LEU B 187 5.67 -29.13 1.09
N LEU B 188 4.72 -28.43 0.46
CA LEU B 188 3.37 -28.36 1.03
C LEU B 188 2.72 -29.74 1.08
N TYR B 189 2.88 -30.52 0.01
CA TYR B 189 2.36 -31.88 0.01
C TYR B 189 3.03 -32.74 1.07
N ALA B 190 4.35 -32.59 1.22
CA ALA B 190 5.06 -33.35 2.24
C ALA B 190 4.56 -32.99 3.63
N SER B 191 4.34 -31.69 3.89
CA SER B 191 3.80 -31.28 5.18
C SER B 191 2.40 -31.83 5.39
N SER B 192 1.60 -31.88 4.31
CA SER B 192 0.25 -32.44 4.43
C SER B 192 0.31 -33.91 4.81
N LEU B 193 1.23 -34.67 4.23
CA LEU B 193 1.33 -36.08 4.56
C LEU B 193 1.73 -36.30 6.01
N PHE B 194 2.65 -35.47 6.52
CA PHE B 194 3.14 -35.62 7.90
C PHE B 194 2.39 -34.64 8.79
N GLN B 195 1.36 -35.12 9.46
CA GLN B 195 0.62 -34.30 10.42
C GLN B 195 1.26 -34.27 11.79
N GLY B 196 2.23 -35.14 12.06
CA GLY B 196 2.93 -35.19 13.32
C GLY B 196 4.29 -34.53 13.23
N SER B 197 5.28 -35.17 13.86
CA SER B 197 6.65 -34.68 13.80
C SER B 197 7.26 -35.05 12.46
N VAL B 198 7.58 -34.05 11.66
CA VAL B 198 8.10 -34.26 10.31
C VAL B 198 9.63 -34.29 10.35
N PRO B 199 10.26 -35.27 9.71
CA PRO B 199 11.72 -35.31 9.68
C PRO B 199 12.28 -34.17 8.86
N PRO B 200 13.58 -33.88 8.97
CA PRO B 200 14.16 -32.79 8.19
C PRO B 200 13.94 -32.98 6.70
N VAL B 201 13.61 -31.89 6.02
CA VAL B 201 13.30 -31.90 4.59
C VAL B 201 14.26 -30.96 3.88
N MET B 202 14.89 -31.48 2.83
CA MET B 202 15.72 -30.66 1.94
C MET B 202 15.15 -30.78 0.53
N ALA B 203 14.95 -29.65 -0.13
CA ALA B 203 14.21 -29.58 -1.37
C ALA B 203 15.09 -29.01 -2.48
N PHE B 204 14.89 -29.52 -3.69
CA PHE B 204 15.63 -29.07 -4.87
C PHE B 204 14.70 -28.32 -5.80
N HIS B 205 15.21 -27.27 -6.44
CA HIS B 205 14.45 -26.51 -7.41
C HIS B 205 14.90 -26.88 -8.82
N LEU B 206 14.00 -27.50 -9.58
CA LEU B 206 14.28 -27.85 -10.98
C LEU B 206 13.70 -26.78 -11.90
N GLY B 207 14.29 -25.58 -11.81
CA GLY B 207 13.94 -24.51 -12.73
C GLY B 207 13.44 -23.24 -12.10
N SER B 208 12.67 -23.34 -11.02
CA SER B 208 12.12 -22.18 -10.34
C SER B 208 12.64 -22.17 -8.91
N LEU B 209 13.37 -21.11 -8.56
CA LEU B 209 14.06 -21.08 -7.26
C LEU B 209 13.07 -21.09 -6.10
N GLY B 210 12.00 -20.30 -6.20
CA GLY B 210 10.99 -20.30 -5.16
C GLY B 210 11.51 -19.74 -3.84
N PHE B 211 10.95 -20.24 -2.75
CA PHE B 211 11.37 -19.82 -1.42
C PHE B 211 11.77 -21.03 -0.56
N LEU B 212 11.08 -22.15 -0.76
CA LEU B 212 11.24 -23.33 0.07
C LEU B 212 12.18 -24.36 -0.55
N THR B 213 12.81 -24.04 -1.67
CA THR B 213 13.69 -24.97 -2.38
C THR B 213 15.03 -24.29 -2.63
N PRO B 214 15.88 -24.22 -1.62
CA PRO B 214 17.16 -23.51 -1.78
C PRO B 214 18.23 -24.31 -2.51
N PHE B 215 18.17 -25.63 -2.39
CA PHE B 215 19.21 -26.48 -2.97
C PHE B 215 19.14 -26.47 -4.49
N SER B 216 20.32 -26.42 -5.12
CA SER B 216 20.43 -26.51 -6.57
C SER B 216 20.81 -27.92 -6.96
N PHE B 217 20.16 -28.43 -8.00
CA PHE B 217 20.35 -29.82 -8.40
C PHE B 217 21.74 -30.11 -8.92
N GLU B 218 22.46 -29.10 -9.41
CA GLU B 218 23.79 -29.34 -9.94
C GLU B 218 24.73 -29.85 -8.85
N ASN B 219 25.46 -30.91 -9.15
CA ASN B 219 26.42 -31.53 -8.24
C ASN B 219 25.76 -31.84 -6.90
N PHE B 220 24.68 -32.62 -6.97
CA PHE B 220 23.93 -32.94 -5.76
C PHE B 220 24.58 -34.04 -4.94
N GLN B 221 25.57 -34.75 -5.48
CA GLN B 221 26.26 -35.77 -4.69
C GLN B 221 26.86 -35.16 -3.43
N SER B 222 27.62 -34.07 -3.60
CA SER B 222 28.29 -33.45 -2.47
C SER B 222 27.29 -32.92 -1.44
N GLN B 223 26.22 -32.29 -1.92
CA GLN B 223 25.23 -31.74 -0.99
C GLN B 223 24.55 -32.84 -0.20
N VAL B 224 24.15 -33.93 -0.88
CA VAL B 224 23.48 -35.02 -0.18
C VAL B 224 24.41 -35.67 0.84
N THR B 225 25.67 -35.90 0.45
CA THR B 225 26.62 -36.50 1.38
C THR B 225 26.89 -35.59 2.57
N GLN B 226 27.03 -34.29 2.33
CA GLN B 226 27.28 -33.36 3.42
C GLN B 226 26.08 -33.29 4.36
N VAL B 227 24.87 -33.37 3.82
CA VAL B 227 23.68 -33.32 4.66
C VAL B 227 23.58 -34.59 5.49
N ILE B 228 23.80 -35.75 4.88
CA ILE B 228 23.63 -37.01 5.60
C ILE B 228 24.73 -37.20 6.64
N GLU B 229 25.97 -36.87 6.30
CA GLU B 229 27.09 -37.16 7.19
C GLU B 229 27.42 -35.97 8.09
N GLY B 230 27.72 -34.83 7.49
CA GLY B 230 28.10 -33.65 8.23
C GLY B 230 26.90 -32.96 8.85
N ASN B 231 27.09 -31.68 9.14
CA ASN B 231 26.05 -30.84 9.71
C ASN B 231 25.73 -29.71 8.76
N ALA B 232 24.46 -29.55 8.43
CA ALA B 232 23.96 -28.39 7.69
C ALA B 232 23.07 -27.57 8.59
N ALA B 233 22.64 -26.42 8.08
CA ALA B 233 21.78 -25.52 8.84
C ALA B 233 20.33 -25.82 8.54
N VAL B 234 19.49 -25.71 9.56
CA VAL B 234 18.06 -25.95 9.41
C VAL B 234 17.28 -24.75 9.95
N VAL B 235 16.07 -24.58 9.43
CA VAL B 235 15.13 -23.58 9.92
C VAL B 235 13.87 -24.32 10.36
N LEU B 236 13.44 -24.07 11.59
CA LEU B 236 12.23 -24.69 12.12
C LEU B 236 11.04 -23.81 11.75
N ARG B 237 10.57 -23.97 10.51
CA ARG B 237 9.44 -23.21 10.03
C ARG B 237 8.20 -23.55 10.86
N SER B 238 7.47 -22.52 11.25
CA SER B 238 6.28 -22.71 12.07
C SER B 238 5.13 -23.26 11.24
N ARG B 239 4.23 -23.96 11.92
CA ARG B 239 3.03 -24.50 11.30
C ARG B 239 1.83 -24.14 12.17
N LEU B 240 0.66 -24.07 11.55
CA LEU B 240 -0.58 -23.75 12.25
C LEU B 240 -1.44 -24.99 12.37
N LYS B 241 -1.91 -25.27 13.57
CA LYS B 241 -2.93 -26.29 13.80
C LYS B 241 -4.29 -25.61 13.68
N VAL B 242 -5.10 -26.09 12.74
CA VAL B 242 -6.41 -25.51 12.44
C VAL B 242 -7.45 -26.58 12.70
N ARG B 243 -8.31 -26.33 13.69
CA ARG B 243 -9.37 -27.26 14.07
C ARG B 243 -10.71 -26.67 13.64
N VAL B 244 -11.43 -27.40 12.81
CA VAL B 244 -12.71 -26.94 12.27
C VAL B 244 -13.81 -27.70 12.99
N VAL B 245 -14.68 -26.96 13.69
CA VAL B 245 -15.77 -27.54 14.46
C VAL B 245 -17.08 -27.21 13.73
N LYS B 246 -17.80 -28.24 13.31
CA LYS B 246 -19.05 -28.08 12.59
C LYS B 246 -20.23 -28.09 13.57
N GLU B 247 -21.43 -28.04 13.02
CA GLU B 247 -22.65 -28.06 13.82
C GLU B 247 -23.14 -29.47 14.03
N GLN B 276 -18.10 -32.15 14.57
CA GLN B 276 -17.03 -32.95 13.99
C GLN B 276 -15.77 -32.09 13.88
N ALA B 277 -14.65 -32.62 14.35
CA ALA B 277 -13.37 -31.93 14.30
C ALA B 277 -12.51 -32.50 13.18
N MET B 278 -11.64 -31.65 12.63
CA MET B 278 -10.76 -32.05 11.53
C MET B 278 -9.29 -32.02 11.91
N GLN B 279 -8.83 -30.93 12.53
CA GLN B 279 -7.44 -30.79 13.00
C GLN B 279 -6.45 -30.97 11.85
N TYR B 280 -6.55 -30.07 10.88
CA TYR B 280 -5.56 -29.99 9.81
C TYR B 280 -4.32 -29.22 10.27
N GLN B 281 -3.24 -29.40 9.52
CA GLN B 281 -2.01 -28.66 9.72
C GLN B 281 -1.70 -27.85 8.47
N VAL B 282 -1.29 -26.60 8.68
CA VAL B 282 -1.10 -25.64 7.60
C VAL B 282 0.32 -25.09 7.67
N LEU B 283 0.96 -24.98 6.51
CA LEU B 283 2.31 -24.41 6.42
C LEU B 283 2.34 -23.01 5.87
N ASN B 284 1.62 -22.73 4.77
CA ASN B 284 1.74 -21.42 4.15
C ASN B 284 0.67 -20.44 4.63
N GLU B 285 -0.60 -20.76 4.41
CA GLU B 285 -1.66 -19.93 4.97
C GLU B 285 -2.98 -20.70 4.98
N VAL B 286 -3.92 -20.19 5.75
CA VAL B 286 -5.33 -20.60 5.68
C VAL B 286 -6.14 -19.37 5.27
N VAL B 287 -6.97 -19.54 4.25
CA VAL B 287 -7.71 -18.43 3.66
C VAL B 287 -9.20 -18.68 3.85
N ILE B 288 -9.88 -17.72 4.46
CA ILE B 288 -11.33 -17.77 4.64
C ILE B 288 -11.93 -16.67 3.78
N ASP B 289 -12.59 -17.06 2.70
CA ASP B 289 -12.97 -16.11 1.67
C ASP B 289 -14.26 -16.60 1.01
N ARG B 290 -14.58 -16.04 -0.16
CA ARG B 290 -15.65 -16.56 -0.99
C ARG B 290 -15.14 -17.76 -1.77
N GLY B 291 -15.92 -18.19 -2.75
CA GLY B 291 -15.68 -19.44 -3.43
C GLY B 291 -16.86 -19.75 -4.34
N PRO B 292 -17.41 -20.95 -4.25
CA PRO B 292 -18.67 -21.23 -4.93
C PRO B 292 -19.78 -20.27 -4.53
N SER B 293 -19.62 -19.55 -3.41
CA SER B 293 -20.56 -18.51 -3.02
C SER B 293 -20.28 -17.24 -3.83
N SER B 294 -20.97 -16.16 -3.51
CA SER B 294 -20.97 -14.97 -4.34
C SER B 294 -20.51 -13.69 -3.66
N TYR B 295 -20.87 -13.47 -2.39
CA TYR B 295 -20.75 -12.15 -1.76
C TYR B 295 -19.79 -12.17 -0.56
N LEU B 296 -19.78 -11.03 0.14
CA LEU B 296 -18.69 -10.69 1.07
C LEU B 296 -18.47 -11.76 2.13
N SER B 297 -19.54 -12.23 2.76
CA SER B 297 -19.46 -13.14 3.91
C SER B 297 -18.65 -12.52 5.05
N ASN B 298 -19.20 -11.43 5.57
CA ASN B 298 -18.63 -10.76 6.75
C ASN B 298 -18.45 -11.75 7.89
N VAL B 299 -17.27 -11.76 8.50
CA VAL B 299 -16.91 -12.83 9.42
C VAL B 299 -16.13 -12.25 10.61
N ASP B 300 -16.42 -12.75 11.81
CA ASP B 300 -15.81 -12.28 13.04
C ASP B 300 -14.56 -13.08 13.37
N VAL B 301 -13.56 -12.39 13.92
CA VAL B 301 -12.34 -13.02 14.41
C VAL B 301 -12.24 -12.72 15.89
N TYR B 302 -12.14 -13.77 16.71
CA TYR B 302 -11.96 -13.67 18.14
C TYR B 302 -10.53 -14.05 18.50
N LEU B 303 -9.95 -13.36 19.47
CA LEU B 303 -8.57 -13.61 19.86
C LEU B 303 -8.53 -13.64 21.39
N ASP B 304 -8.21 -14.81 21.95
CA ASP B 304 -8.33 -15.09 23.37
C ASP B 304 -9.77 -14.93 23.87
N GLY B 305 -10.75 -15.07 22.98
CA GLY B 305 -12.14 -14.91 23.33
C GLY B 305 -12.65 -13.49 23.25
N HIS B 306 -11.79 -12.52 22.93
CA HIS B 306 -12.21 -11.14 22.75
C HIS B 306 -12.41 -10.88 21.26
N LEU B 307 -13.53 -10.24 20.91
CA LEU B 307 -13.81 -9.94 19.52
C LEU B 307 -12.93 -8.78 19.04
N ILE B 308 -11.80 -9.11 18.43
CA ILE B 308 -10.88 -8.07 17.99
C ILE B 308 -11.45 -7.31 16.80
N THR B 309 -12.04 -8.03 15.83
CA THR B 309 -12.54 -7.35 14.65
C THR B 309 -13.55 -8.22 13.92
N THR B 310 -14.34 -7.56 13.09
CA THR B 310 -15.13 -8.21 12.04
C THR B 310 -14.56 -7.75 10.70
N VAL B 311 -14.32 -8.70 9.81
CA VAL B 311 -13.69 -8.40 8.53
C VAL B 311 -14.70 -8.66 7.42
N GLN B 312 -14.80 -7.70 6.51
CA GLN B 312 -15.58 -7.74 5.29
C GLN B 312 -14.64 -7.76 4.10
N GLY B 313 -15.20 -7.73 2.91
CA GLY B 313 -14.39 -7.82 1.72
C GLY B 313 -14.27 -9.25 1.23
N ASP B 314 -13.20 -9.50 0.49
CA ASP B 314 -13.04 -10.81 -0.15
C ASP B 314 -12.79 -11.89 0.89
N GLY B 315 -12.01 -11.61 1.91
CA GLY B 315 -11.76 -12.58 2.95
C GLY B 315 -10.55 -12.21 3.79
N VAL B 316 -10.12 -13.17 4.60
CA VAL B 316 -9.01 -13.00 5.52
C VAL B 316 -8.03 -14.15 5.33
N ILE B 317 -6.76 -13.88 5.65
CA ILE B 317 -5.68 -14.84 5.52
C ILE B 317 -4.96 -14.91 6.86
N VAL B 318 -4.85 -16.11 7.42
CA VAL B 318 -4.08 -16.36 8.63
C VAL B 318 -2.90 -17.23 8.22
N SER B 319 -1.70 -16.67 8.29
CA SER B 319 -0.54 -17.30 7.69
C SER B 319 0.61 -17.40 8.69
N THR B 320 1.50 -18.35 8.41
CA THR B 320 2.76 -18.49 9.11
C THR B 320 3.78 -17.54 8.51
N PRO B 321 4.90 -17.30 9.20
CA PRO B 321 5.99 -16.54 8.58
C PRO B 321 6.48 -17.15 7.30
N THR B 322 6.41 -18.48 7.17
CA THR B 322 6.78 -19.13 5.91
C THR B 322 5.86 -18.69 4.79
N GLY B 323 4.58 -18.54 5.08
CA GLY B 323 3.60 -18.10 4.10
C GLY B 323 3.52 -16.61 3.88
N SER B 324 4.41 -15.85 4.53
CA SER B 324 4.40 -14.41 4.32
C SER B 324 4.76 -14.06 2.87
N THR B 325 5.69 -14.81 2.29
CA THR B 325 6.02 -14.66 0.88
C THR B 325 5.04 -15.37 -0.04
N ALA B 326 4.11 -16.13 0.53
CA ALA B 326 3.01 -16.78 -0.19
C ALA B 326 1.89 -15.78 -0.45
N TYR B 327 0.71 -16.29 -0.79
CA TYR B 327 -0.47 -15.50 -1.14
C TYR B 327 -0.65 -14.28 -0.26
N ALA B 328 -0.30 -14.38 1.02
CA ALA B 328 -0.39 -13.22 1.91
C ALA B 328 0.43 -12.04 1.40
N ALA B 329 1.53 -12.31 0.70
CA ALA B 329 2.33 -11.22 0.14
C ALA B 329 1.56 -10.46 -0.93
N ALA B 330 0.73 -11.17 -1.69
CA ALA B 330 -0.04 -10.53 -2.75
C ALA B 330 -1.05 -9.53 -2.20
N ALA B 331 -1.44 -9.67 -0.94
CA ALA B 331 -2.44 -8.81 -0.31
C ALA B 331 -1.83 -7.57 0.33
N GLY B 332 -0.54 -7.34 0.13
CA GLY B 332 0.11 -6.16 0.69
C GLY B 332 0.68 -6.34 2.07
N ALA B 333 0.90 -7.57 2.52
CA ALA B 333 1.42 -7.85 3.84
C ALA B 333 2.94 -7.81 3.84
N SER B 334 3.51 -7.45 4.99
CA SER B 334 4.96 -7.38 5.12
C SER B 334 5.57 -8.77 5.11
N MET B 335 6.78 -8.86 4.57
CA MET B 335 7.48 -10.12 4.49
C MET B 335 8.11 -10.48 5.83
N ILE B 336 7.88 -11.70 6.29
CA ILE B 336 8.23 -12.12 7.64
C ILE B 336 9.29 -13.22 7.55
N HIS B 337 10.37 -13.05 8.29
CA HIS B 337 11.41 -14.06 8.33
C HIS B 337 10.90 -15.32 9.05
N PRO B 338 11.27 -16.51 8.57
CA PRO B 338 10.75 -17.73 9.20
C PRO B 338 11.16 -17.93 10.64
N ASN B 339 12.22 -17.27 11.11
CA ASN B 339 12.65 -17.44 12.49
C ASN B 339 11.88 -16.58 13.47
N VAL B 340 10.98 -15.71 13.01
CA VAL B 340 10.20 -14.84 13.88
C VAL B 340 8.91 -15.57 14.24
N PRO B 341 8.67 -15.89 15.50
CA PRO B 341 7.43 -16.58 15.89
C PRO B 341 6.26 -15.61 15.91
N ALA B 342 5.37 -15.74 14.94
CA ALA B 342 4.21 -14.86 14.84
C ALA B 342 3.13 -15.53 14.00
N ILE B 343 1.93 -14.96 14.05
CA ILE B 343 0.81 -15.37 13.23
C ILE B 343 0.32 -14.14 12.49
N MET B 344 0.25 -14.22 11.16
CA MET B 344 -0.09 -13.08 10.32
C MET B 344 -1.58 -13.08 10.01
N ILE B 345 -2.22 -11.94 10.21
CA ILE B 345 -3.61 -11.72 9.80
C ILE B 345 -3.60 -10.64 8.73
N THR B 346 -4.07 -10.99 7.52
CA THR B 346 -4.01 -10.07 6.39
C THR B 346 -5.32 -10.11 5.61
N PRO B 347 -5.91 -8.97 5.29
CA PRO B 347 -7.16 -8.96 4.53
C PRO B 347 -6.92 -9.24 3.05
N ILE B 348 -8.00 -9.52 2.35
CA ILE B 348 -8.01 -9.58 0.89
C ILE B 348 -9.04 -8.55 0.44
N CYS B 349 -8.56 -7.41 -0.06
CA CYS B 349 -9.40 -6.32 -0.53
C CYS B 349 -10.44 -5.92 0.51
N PRO B 350 -10.04 -5.33 1.63
CA PRO B 350 -11.03 -4.94 2.65
C PRO B 350 -11.73 -3.64 2.26
N HIS B 351 -13.03 -3.57 2.58
CA HIS B 351 -13.81 -2.39 2.29
C HIS B 351 -13.42 -1.19 3.14
N SER B 352 -12.67 -1.39 4.23
CA SER B 352 -12.20 -0.31 5.06
C SER B 352 -10.78 0.05 4.65
N LEU B 353 -10.53 1.34 4.43
CA LEU B 353 -9.21 1.80 3.99
C LEU B 353 -8.15 1.66 5.05
N SER B 354 -8.51 1.36 6.30
CA SER B 354 -7.56 1.37 7.40
C SER B 354 -7.18 -0.01 7.90
N PHE B 355 -7.81 -1.08 7.41
CA PHE B 355 -7.59 -2.41 7.96
C PHE B 355 -6.27 -2.94 7.41
N ARG B 356 -5.18 -2.46 8.00
CA ARG B 356 -3.81 -2.82 7.64
C ARG B 356 -3.47 -4.18 8.26
N PRO B 357 -2.72 -5.03 7.54
CA PRO B 357 -2.39 -6.35 8.08
C PRO B 357 -1.61 -6.26 9.37
N ILE B 358 -1.85 -7.23 10.25
CA ILE B 358 -1.25 -7.25 11.59
C ILE B 358 -0.61 -8.61 11.82
N VAL B 359 0.19 -8.68 12.88
CA VAL B 359 0.73 -9.95 13.35
C VAL B 359 0.47 -10.05 14.84
N VAL B 360 0.33 -11.29 15.32
CA VAL B 360 0.00 -11.56 16.71
C VAL B 360 0.99 -12.59 17.23
N PRO B 361 1.16 -12.68 18.55
CA PRO B 361 2.12 -13.63 19.10
C PRO B 361 1.79 -15.06 18.72
N ALA B 362 2.83 -15.90 18.67
CA ALA B 362 2.65 -17.27 18.19
C ALA B 362 1.71 -18.06 19.09
N GLY B 363 1.81 -17.87 20.40
CA GLY B 363 1.07 -18.69 21.33
C GLY B 363 -0.39 -18.36 21.54
N VAL B 364 -0.95 -17.44 20.77
CA VAL B 364 -2.32 -17.03 20.98
C VAL B 364 -3.22 -17.91 20.09
N GLU B 365 -4.49 -17.98 20.46
CA GLU B 365 -5.46 -18.86 19.81
C GLU B 365 -6.52 -18.01 19.10
N LEU B 366 -6.52 -18.06 17.77
CA LEU B 366 -7.53 -17.38 16.98
C LEU B 366 -8.76 -18.25 16.82
N LYS B 367 -9.93 -17.63 16.72
CA LYS B 367 -11.18 -18.35 16.52
C LYS B 367 -12.02 -17.55 15.55
N ILE B 368 -12.15 -18.04 14.33
CA ILE B 368 -12.87 -17.35 13.27
C ILE B 368 -14.23 -18.01 13.08
N MET B 369 -15.28 -17.20 13.01
CA MET B 369 -16.61 -17.73 12.77
C MET B 369 -17.48 -16.63 12.17
N LEU B 370 -18.49 -17.05 11.42
CA LEU B 370 -19.38 -16.08 10.79
C LEU B 370 -20.16 -15.29 11.84
N SER B 371 -20.33 -14.00 11.58
CA SER B 371 -21.14 -13.19 12.46
C SER B 371 -22.59 -13.66 12.40
N PRO B 372 -23.33 -13.61 13.51
CA PRO B 372 -24.73 -14.03 13.46
C PRO B 372 -25.62 -12.95 12.87
N GLU B 373 -25.18 -12.36 11.77
CA GLU B 373 -26.00 -11.38 11.04
C GLU B 373 -25.97 -11.57 9.53
N ALA B 374 -25.05 -12.37 8.98
CA ALA B 374 -24.82 -12.42 7.55
C ALA B 374 -25.17 -13.78 6.97
N ARG B 375 -25.81 -13.76 5.82
CA ARG B 375 -26.01 -14.94 4.97
C ARG B 375 -24.79 -15.08 4.06
N ASN B 376 -24.88 -15.93 3.03
CA ASN B 376 -23.77 -16.19 2.11
C ASN B 376 -22.56 -16.74 2.85
N THR B 377 -22.75 -17.93 3.40
CA THR B 377 -21.73 -18.61 4.18
C THR B 377 -20.41 -18.70 3.41
N ALA B 378 -19.31 -18.80 4.15
CA ALA B 378 -17.97 -18.59 3.61
C ALA B 378 -17.32 -19.94 3.28
N TRP B 379 -16.11 -19.87 2.73
CA TRP B 379 -15.33 -21.07 2.40
C TRP B 379 -13.91 -20.93 2.91
N VAL B 380 -13.40 -22.01 3.49
CA VAL B 380 -12.07 -22.05 4.08
C VAL B 380 -11.19 -22.99 3.27
N SER B 381 -9.96 -22.57 3.01
CA SER B 381 -8.99 -23.35 2.26
C SER B 381 -7.67 -23.38 3.01
N PHE B 382 -7.03 -24.55 3.04
CA PHE B 382 -5.75 -24.74 3.71
C PHE B 382 -4.68 -24.98 2.66
N ASP B 383 -3.62 -24.17 2.70
CA ASP B 383 -2.47 -24.33 1.81
C ASP B 383 -2.88 -24.33 0.34
N GLY B 384 -3.91 -23.57 0.00
CA GLY B 384 -4.40 -23.57 -1.37
C GLY B 384 -4.89 -24.92 -1.84
N ARG B 385 -5.64 -25.62 -0.99
CA ARG B 385 -6.07 -26.98 -1.27
C ARG B 385 -7.51 -27.08 -0.80
N LYS B 386 -8.04 -28.31 -0.70
CA LYS B 386 -9.47 -28.58 -0.58
C LYS B 386 -10.17 -27.62 0.37
N ARG B 387 -11.21 -26.98 -0.14
CA ARG B 387 -11.95 -25.95 0.57
C ARG B 387 -13.27 -26.52 1.09
N GLN B 388 -13.67 -26.08 2.28
CA GLN B 388 -14.91 -26.51 2.90
C GLN B 388 -15.77 -25.29 3.23
N GLU B 389 -17.08 -25.46 3.10
CA GLU B 389 -18.01 -24.38 3.42
C GLU B 389 -18.19 -24.29 4.93
N ILE B 390 -18.03 -23.09 5.47
CA ILE B 390 -18.32 -22.79 6.86
C ILE B 390 -19.57 -21.93 6.92
N ARG B 391 -20.49 -22.30 7.81
CA ARG B 391 -21.79 -21.66 7.97
C ARG B 391 -21.95 -21.25 9.44
N HIS B 392 -23.16 -20.82 9.79
CA HIS B 392 -23.45 -20.47 11.17
C HIS B 392 -23.26 -21.69 12.05
N GLY B 393 -22.71 -21.47 13.24
CA GLY B 393 -22.40 -22.54 14.16
C GLY B 393 -21.07 -23.22 13.91
N ASP B 394 -20.36 -22.85 12.85
CA ASP B 394 -19.04 -23.39 12.59
C ASP B 394 -17.97 -22.52 13.24
N SER B 395 -16.87 -23.15 13.63
CA SER B 395 -15.75 -22.45 14.24
C SER B 395 -14.46 -22.95 13.62
N ILE B 396 -13.49 -22.04 13.47
CA ILE B 396 -12.17 -22.38 12.97
C ILE B 396 -11.15 -21.88 13.98
N SER B 397 -10.52 -22.79 14.69
CA SER B 397 -9.56 -22.46 15.74
C SER B 397 -8.15 -22.63 15.19
N ILE B 398 -7.36 -21.56 15.23
CA ILE B 398 -6.01 -21.54 14.68
C ILE B 398 -5.04 -21.30 15.82
N THR B 399 -4.06 -22.19 15.95
CA THR B 399 -2.99 -22.02 16.95
C THR B 399 -1.67 -22.37 16.31
N THR B 400 -0.58 -22.02 16.98
CA THR B 400 0.75 -22.37 16.51
C THR B 400 1.03 -23.83 16.88
N SER B 401 1.29 -24.66 15.87
CA SER B 401 1.46 -26.08 16.11
C SER B 401 2.74 -26.34 16.89
N CYS B 402 2.75 -27.47 17.59
CA CYS B 402 3.91 -27.91 18.35
C CYS B 402 4.86 -28.76 17.52
N TYR B 403 4.57 -28.95 16.23
CA TYR B 403 5.32 -29.85 15.36
C TYR B 403 5.81 -29.06 14.15
N PRO B 404 6.89 -28.31 14.31
CA PRO B 404 7.37 -27.47 13.20
C PRO B 404 8.01 -28.29 12.10
N LEU B 405 8.31 -27.62 11.00
CA LEU B 405 8.91 -28.26 9.84
C LEU B 405 10.37 -27.86 9.73
N PRO B 406 11.32 -28.77 9.92
CA PRO B 406 12.73 -28.43 9.72
C PRO B 406 13.11 -28.48 8.25
N SER B 407 13.45 -27.32 7.69
CA SER B 407 13.87 -27.20 6.30
C SER B 407 15.36 -26.94 6.26
N ILE B 408 16.08 -27.71 5.44
CA ILE B 408 17.53 -27.60 5.37
C ILE B 408 17.91 -26.48 4.41
N CYS B 409 18.73 -25.55 4.88
CA CYS B 409 19.19 -24.43 4.08
C CYS B 409 20.63 -24.64 3.65
N VAL B 410 21.00 -24.04 2.52
CA VAL B 410 22.30 -24.35 1.94
C VAL B 410 23.42 -23.58 2.64
N ARG B 411 23.20 -22.30 2.97
CA ARG B 411 24.24 -21.50 3.61
C ARG B 411 23.86 -21.08 5.02
N ASP B 412 22.72 -20.41 5.20
CA ASP B 412 22.19 -19.99 6.49
C ASP B 412 20.81 -19.37 6.25
N PRO B 413 19.94 -19.33 7.25
CA PRO B 413 18.58 -18.81 7.01
C PRO B 413 18.55 -17.40 6.42
N VAL B 414 19.43 -16.51 6.88
CA VAL B 414 19.37 -15.12 6.45
C VAL B 414 19.68 -15.00 4.96
N SER B 415 20.81 -15.54 4.53
CA SER B 415 21.21 -15.39 3.13
C SER B 415 20.24 -16.09 2.21
N ASP B 416 19.76 -17.27 2.59
CA ASP B 416 18.79 -17.97 1.76
C ASP B 416 17.48 -17.20 1.64
N TRP B 417 16.99 -16.66 2.76
CA TRP B 417 15.74 -15.91 2.70
C TRP B 417 15.90 -14.66 1.82
N PHE B 418 17.01 -13.95 1.97
CA PHE B 418 17.17 -12.73 1.18
C PHE B 418 17.44 -13.03 -0.29
N GLU B 419 18.18 -14.10 -0.58
CA GLU B 419 18.39 -14.50 -1.97
C GLU B 419 17.08 -14.92 -2.62
N SER B 420 16.23 -15.65 -1.89
CA SER B 420 14.93 -16.02 -2.42
C SER B 420 14.07 -14.78 -2.63
N LEU B 421 14.16 -13.81 -1.73
CA LEU B 421 13.43 -12.56 -1.92
C LEU B 421 13.87 -11.84 -3.18
N ALA B 422 15.19 -11.78 -3.41
CA ALA B 422 15.71 -11.06 -4.56
C ALA B 422 15.49 -11.79 -5.87
N GLN B 423 15.41 -13.11 -5.84
CA GLN B 423 15.34 -13.91 -7.06
C GLN B 423 13.93 -14.33 -7.44
N CYS B 424 13.04 -14.51 -6.47
CA CYS B 424 11.70 -15.03 -6.75
C CYS B 424 10.67 -13.92 -6.93
N LEU B 425 10.55 -13.04 -5.95
CA LEU B 425 9.53 -11.99 -5.97
C LEU B 425 10.06 -10.65 -6.48
N HIS B 426 11.29 -10.60 -6.97
CA HIS B 426 11.87 -9.38 -7.55
C HIS B 426 11.80 -8.22 -6.56
N TRP B 427 12.52 -8.41 -5.47
CA TRP B 427 12.55 -7.48 -4.35
C TRP B 427 13.43 -6.29 -4.70
N ASN B 428 13.79 -5.48 -3.70
CA ASN B 428 14.34 -4.14 -3.87
C ASN B 428 15.43 -4.02 -4.93
N VAL B 429 16.13 -5.13 -5.21
CA VAL B 429 17.16 -5.11 -6.25
C VAL B 429 16.60 -4.48 -7.52
N ARG B 430 17.36 -3.56 -8.10
CA ARG B 430 16.87 -2.73 -9.19
C ARG B 430 18.04 -2.15 -9.97
N GLN C 96 5.04 -12.28 32.75
CA GLN C 96 3.67 -11.94 32.36
C GLN C 96 2.96 -11.18 33.46
N ARG C 97 3.39 -11.40 34.70
CA ARG C 97 2.82 -10.72 35.86
C ARG C 97 3.94 -10.07 36.65
N LEU C 98 3.59 -9.03 37.40
CA LEU C 98 4.57 -8.21 38.11
C LEU C 98 4.76 -8.77 39.52
N THR C 99 5.75 -9.65 39.66
CA THR C 99 6.17 -10.12 40.97
C THR C 99 7.10 -9.08 41.58
N TRP C 100 6.65 -8.43 42.66
CA TRP C 100 7.38 -7.30 43.21
C TRP C 100 8.55 -7.71 44.08
N ASN C 101 8.62 -8.98 44.52
CA ASN C 101 9.61 -9.42 45.48
C ASN C 101 9.50 -8.57 46.75
N LYS C 102 10.36 -7.57 46.89
CA LYS C 102 10.26 -6.64 47.99
C LYS C 102 9.17 -5.60 47.71
N SER C 103 8.64 -5.01 48.77
CA SER C 103 7.60 -4.01 48.63
C SER C 103 8.18 -2.75 47.97
N PRO C 104 7.55 -2.24 46.91
CA PRO C 104 8.08 -1.04 46.25
C PRO C 104 8.04 0.17 47.16
N LYS C 105 9.18 0.86 47.26
CA LYS C 105 9.33 2.01 48.13
C LYS C 105 9.61 3.32 47.41
N SER C 106 10.08 3.28 46.17
CA SER C 106 10.47 4.49 45.44
C SER C 106 9.70 4.60 44.14
N VAL C 107 9.27 5.81 43.82
CA VAL C 107 8.57 6.11 42.57
C VAL C 107 9.25 7.30 41.90
N LEU C 108 9.32 7.25 40.58
CA LEU C 108 9.77 8.38 39.77
C LEU C 108 8.61 8.84 38.91
N VAL C 109 8.22 10.10 39.06
CA VAL C 109 7.09 10.67 38.33
C VAL C 109 7.65 11.60 37.26
N ILE C 110 7.35 11.28 36.01
CA ILE C 110 7.84 12.05 34.86
C ILE C 110 6.65 12.79 34.27
N LYS C 111 6.79 14.11 34.14
CA LYS C 111 5.74 14.96 33.60
C LYS C 111 6.19 15.55 32.27
N LYS C 112 5.22 15.74 31.37
CA LYS C 112 5.53 16.28 30.05
C LYS C 112 6.19 17.65 30.14
N MET C 113 5.80 18.45 31.14
CA MET C 113 6.31 19.80 31.36
C MET C 113 5.86 20.74 30.24
N ARG C 114 5.88 22.04 30.49
CA ARG C 114 5.39 23.05 29.54
C ARG C 114 3.94 22.78 29.16
N ASP C 115 3.15 22.34 30.13
CA ASP C 115 1.72 22.09 29.92
C ASP C 115 1.03 22.32 31.25
N ALA C 116 0.06 23.23 31.28
CA ALA C 116 -0.63 23.59 32.50
C ALA C 116 -1.68 22.57 32.92
N SER C 117 -2.20 21.78 31.98
CA SER C 117 -3.28 20.86 32.29
C SER C 117 -2.82 19.72 33.20
N LEU C 118 -1.53 19.44 33.25
CA LEU C 118 -1.00 18.34 34.05
C LEU C 118 -0.72 18.72 35.49
N LEU C 119 -0.82 20.01 35.84
CA LEU C 119 -0.41 20.45 37.17
C LEU C 119 -1.26 19.80 38.26
N GLN C 120 -2.58 19.90 38.16
CA GLN C 120 -3.45 19.29 39.15
C GLN C 120 -3.33 17.78 39.20
N PRO C 121 -3.30 17.05 38.08
CA PRO C 121 -3.03 15.60 38.17
C PRO C 121 -1.71 15.29 38.87
N PHE C 122 -0.67 16.07 38.58
CA PHE C 122 0.61 15.84 39.24
C PHE C 122 0.49 16.05 40.75
N LYS C 123 -0.22 17.11 41.15
CA LYS C 123 -0.39 17.38 42.57
C LYS C 123 -1.12 16.22 43.25
N GLU C 124 -2.24 15.79 42.67
CA GLU C 124 -3.03 14.73 43.28
C GLU C 124 -2.23 13.43 43.38
N LEU C 125 -1.54 13.07 42.30
CA LEU C 125 -0.74 11.85 42.30
C LEU C 125 0.36 11.92 43.34
N CYS C 126 1.00 13.09 43.48
CA CYS C 126 2.07 13.20 44.46
C CYS C 126 1.56 13.13 45.89
N THR C 127 0.40 13.73 46.17
CA THR C 127 -0.19 13.58 47.49
C THR C 127 -0.51 12.12 47.78
N HIS C 128 -1.07 11.40 46.79
CA HIS C 128 -1.33 9.98 47.00
C HIS C 128 -0.04 9.22 47.29
N LEU C 129 0.99 9.46 46.47
CA LEU C 129 2.23 8.70 46.62
C LEU C 129 2.91 8.98 47.95
N MET C 130 2.90 10.24 48.39
CA MET C 130 3.50 10.58 49.67
C MET C 130 2.65 10.12 50.85
N GLU C 131 1.34 9.96 50.65
CA GLU C 131 0.46 9.58 51.75
C GLU C 131 0.82 8.21 52.31
N GLU C 132 1.08 7.24 51.43
CA GLU C 132 1.37 5.88 51.90
C GLU C 132 2.86 5.65 52.09
N ASN C 133 3.51 6.54 52.84
CA ASN C 133 4.88 6.38 53.32
C ASN C 133 5.83 5.86 52.24
N MET C 134 5.66 6.31 51.00
CA MET C 134 6.40 5.77 49.87
C MET C 134 7.20 6.89 49.22
N ILE C 135 8.50 6.67 49.06
CA ILE C 135 9.40 7.74 48.65
C ILE C 135 9.11 8.16 47.22
N VAL C 136 9.13 9.47 46.97
CA VAL C 136 8.80 10.04 45.67
C VAL C 136 10.03 10.74 45.12
N TYR C 137 10.38 10.44 43.88
CA TYR C 137 11.48 11.09 43.19
C TYR C 137 10.92 11.95 42.05
N VAL C 138 11.49 13.13 41.88
CA VAL C 138 11.12 14.06 40.82
C VAL C 138 12.41 14.56 40.17
N GLU C 139 12.36 14.73 38.85
CA GLU C 139 13.54 15.17 38.12
C GLU C 139 13.95 16.58 38.56
N LYS C 140 15.23 16.89 38.36
CA LYS C 140 15.75 18.19 38.77
C LYS C 140 15.01 19.33 38.10
N LYS C 141 14.80 19.22 36.79
CA LYS C 141 14.18 20.29 36.03
C LYS C 141 12.67 20.32 36.19
N VAL C 142 12.06 19.29 36.77
CA VAL C 142 10.62 19.30 36.98
C VAL C 142 10.27 20.07 38.24
N LEU C 143 11.06 19.92 39.30
CA LEU C 143 10.81 20.69 40.52
C LEU C 143 11.55 22.03 40.51
N GLU C 144 11.38 22.77 39.41
CA GLU C 144 11.82 24.15 39.38
C GLU C 144 10.83 25.05 38.65
N ASP C 145 9.65 24.55 38.29
CA ASP C 145 8.72 25.31 37.47
C ASP C 145 8.15 26.49 38.26
N PRO C 146 7.83 27.60 37.59
CA PRO C 146 7.14 28.69 38.29
C PRO C 146 5.80 28.27 38.86
N ALA C 147 5.08 27.39 38.16
CA ALA C 147 3.78 26.94 38.65
C ALA C 147 3.91 26.15 39.95
N ILE C 148 4.93 25.29 40.05
CA ILE C 148 5.13 24.52 41.26
C ILE C 148 5.80 25.35 42.35
N ALA C 149 6.56 26.38 41.98
CA ALA C 149 7.18 27.24 42.98
C ALA C 149 6.16 28.17 43.62
N SER C 150 5.25 28.72 42.82
CA SER C 150 4.29 29.69 43.34
C SER C 150 3.32 29.06 44.32
N ASP C 151 2.88 27.83 44.06
CA ASP C 151 1.87 27.18 44.89
C ASP C 151 2.52 26.78 46.22
N GLU C 152 2.27 27.59 47.25
CA GLU C 152 2.78 27.28 48.58
C GLU C 152 2.00 26.16 49.25
N SER C 153 0.74 25.97 48.87
CA SER C 153 -0.07 24.92 49.49
C SER C 153 0.53 23.55 49.25
N PHE C 154 1.03 23.30 48.05
CA PHE C 154 1.69 22.03 47.77
C PHE C 154 3.06 21.94 48.42
N GLY C 155 3.62 23.05 48.88
CA GLY C 155 4.97 23.04 49.42
C GLY C 155 5.13 22.09 50.58
N ALA C 156 4.05 21.82 51.31
CA ALA C 156 4.12 20.89 52.45
C ALA C 156 4.66 19.54 52.02
N VAL C 157 4.42 19.12 50.78
CA VAL C 157 4.99 17.88 50.28
C VAL C 157 6.15 18.12 49.31
N LYS C 158 6.37 19.36 48.88
CA LYS C 158 7.48 19.63 47.97
C LYS C 158 8.82 19.38 48.67
N LYS C 159 8.90 19.71 49.96
CA LYS C 159 10.15 19.48 50.69
C LYS C 159 10.49 18.01 50.78
N LYS C 160 9.48 17.13 50.73
CA LYS C 160 9.70 15.70 50.81
C LYS C 160 10.08 15.07 49.48
N PHE C 161 10.11 15.85 48.40
CA PHE C 161 10.42 15.32 47.07
C PHE C 161 11.91 15.06 46.97
N CYS C 162 12.31 13.80 46.98
CA CYS C 162 13.69 13.46 46.68
C CYS C 162 13.97 13.69 45.20
N THR C 163 15.23 13.96 44.89
CA THR C 163 15.64 14.34 43.54
C THR C 163 16.42 13.20 42.91
N PHE C 164 16.04 12.84 41.68
CA PHE C 164 16.74 11.78 40.95
C PHE C 164 17.94 12.35 40.21
N ARG C 165 19.00 11.55 40.13
CA ARG C 165 20.21 11.92 39.43
C ARG C 165 20.65 10.77 38.53
N GLU C 166 21.26 11.12 37.40
CA GLU C 166 21.72 10.14 36.44
C GLU C 166 23.01 9.47 36.91
N SER C 172 22.05 2.62 39.36
CA SER C 172 20.85 3.42 39.48
C SER C 172 19.65 2.58 39.90
N ASN C 173 19.83 1.82 40.97
CA ASN C 173 18.77 0.97 41.51
C ASN C 173 17.87 1.69 42.49
N GLN C 174 18.05 3.00 42.67
CA GLN C 174 17.21 3.75 43.60
C GLN C 174 15.75 3.71 43.18
N ILE C 175 15.48 3.91 41.89
CA ILE C 175 14.11 3.92 41.38
C ILE C 175 13.62 2.49 41.25
N ASP C 176 12.44 2.21 41.78
CA ASP C 176 11.84 0.89 41.71
C ASP C 176 10.53 0.85 40.93
N PHE C 177 9.99 1.99 40.54
CA PHE C 177 8.70 2.06 39.88
C PHE C 177 8.53 3.45 39.28
N ILE C 178 8.02 3.52 38.06
CA ILE C 178 7.91 4.76 37.32
C ILE C 178 6.45 5.02 36.96
N ILE C 179 6.02 6.26 37.14
CA ILE C 179 4.69 6.70 36.74
C ILE C 179 4.86 7.85 35.75
N CYS C 180 4.25 7.73 34.58
CA CYS C 180 4.34 8.72 33.53
C CYS C 180 2.99 9.38 33.32
N LEU C 181 2.97 10.71 33.33
CA LEU C 181 1.75 11.49 33.14
C LEU C 181 1.89 12.26 31.83
N GLY C 182 1.27 11.76 30.79
CA GLY C 182 1.35 12.36 29.47
C GLY C 182 0.99 11.34 28.42
N GLY C 183 1.14 11.76 27.17
CA GLY C 183 0.81 10.84 26.09
C GLY C 183 1.95 10.55 25.13
N ASP C 184 2.42 9.31 25.14
CA ASP C 184 3.32 8.75 24.14
C ASP C 184 4.65 9.46 24.07
N GLY C 185 4.88 10.45 24.95
CA GLY C 185 6.15 11.12 24.98
C GLY C 185 6.83 10.97 26.32
N THR C 186 6.04 10.79 27.38
CA THR C 186 6.62 10.60 28.70
C THR C 186 7.34 9.26 28.79
N LEU C 187 6.80 8.22 28.15
CA LEU C 187 7.45 6.92 28.19
C LEU C 187 8.75 6.92 27.40
N LEU C 188 8.78 7.64 26.27
CA LEU C 188 10.02 7.76 25.53
C LEU C 188 11.09 8.49 26.33
N TYR C 189 10.70 9.54 27.05
CA TYR C 189 11.65 10.25 27.89
C TYR C 189 12.13 9.36 29.04
N ALA C 190 11.22 8.56 29.61
CA ALA C 190 11.61 7.64 30.67
C ALA C 190 12.60 6.60 30.14
N SER C 191 12.37 6.09 28.94
CA SER C 191 13.31 5.15 28.33
C SER C 191 14.65 5.81 28.09
N SER C 192 14.65 7.07 27.67
CA SER C 192 15.91 7.79 27.49
C SER C 192 16.65 7.93 28.80
N LEU C 193 15.93 8.18 29.90
CA LEU C 193 16.58 8.35 31.20
C LEU C 193 17.30 7.08 31.63
N PHE C 194 16.64 5.92 31.48
CA PHE C 194 17.18 4.65 31.95
C PHE C 194 17.73 3.88 30.76
N GLN C 195 19.06 3.88 30.61
CA GLN C 195 19.71 3.10 29.58
C GLN C 195 20.01 1.68 30.02
N GLY C 196 19.90 1.37 31.31
CA GLY C 196 20.12 0.04 31.81
C GLY C 196 18.83 -0.69 32.09
N SER C 197 18.74 -1.33 33.25
CA SER C 197 17.49 -1.96 33.66
C SER C 197 16.43 -0.90 33.91
N VAL C 198 15.25 -1.11 33.34
CA VAL C 198 14.16 -0.15 33.42
C VAL C 198 13.12 -0.67 34.41
N PRO C 199 12.82 0.06 35.48
CA PRO C 199 11.79 -0.39 36.41
C PRO C 199 10.41 -0.35 35.75
N PRO C 200 9.43 -1.07 36.30
CA PRO C 200 8.10 -1.08 35.70
C PRO C 200 7.51 0.33 35.61
N VAL C 201 6.82 0.59 34.50
CA VAL C 201 6.28 1.90 34.19
C VAL C 201 4.79 1.79 34.00
N MET C 202 4.04 2.68 34.65
CA MET C 202 2.61 2.83 34.42
C MET C 202 2.36 4.23 33.88
N ALA C 203 1.61 4.33 32.80
CA ALA C 203 1.40 5.59 32.11
C ALA C 203 -0.07 5.95 32.09
N PHE C 204 -0.38 7.21 32.41
CA PHE C 204 -1.73 7.74 32.39
C PHE C 204 -1.88 8.71 31.22
N HIS C 205 -3.01 8.65 30.55
CA HIS C 205 -3.30 9.53 29.43
C HIS C 205 -4.26 10.63 29.88
N LEU C 206 -3.81 11.87 29.79
CA LEU C 206 -4.65 13.02 30.10
C LEU C 206 -5.25 13.60 28.82
N GLY C 207 -6.12 12.81 28.20
CA GLY C 207 -6.90 13.29 27.08
C GLY C 207 -6.76 12.53 25.78
N SER C 208 -5.56 12.07 25.47
CA SER C 208 -5.30 11.31 24.24
C SER C 208 -4.91 9.89 24.63
N LEU C 209 -5.69 8.91 24.15
CA LEU C 209 -5.51 7.54 24.62
C LEU C 209 -4.15 6.98 24.22
N GLY C 210 -3.72 7.22 22.99
CA GLY C 210 -2.40 6.80 22.56
C GLY C 210 -2.24 5.29 22.50
N PHE C 211 -0.98 4.86 22.59
CA PHE C 211 -0.62 3.44 22.59
C PHE C 211 0.08 3.00 23.85
N LEU C 212 0.98 3.81 24.39
CA LEU C 212 1.80 3.43 25.53
C LEU C 212 1.25 3.91 26.85
N THR C 213 0.07 4.52 26.86
CA THR C 213 -0.56 5.06 28.07
C THR C 213 -1.96 4.48 28.18
N PRO C 214 -2.08 3.24 28.64
CA PRO C 214 -3.40 2.60 28.69
C PRO C 214 -4.24 3.01 29.89
N PHE C 215 -3.58 3.36 30.99
CA PHE C 215 -4.30 3.68 32.22
C PHE C 215 -5.06 4.98 32.08
N SER C 216 -6.28 4.98 32.59
CA SER C 216 -7.13 6.17 32.61
C SER C 216 -7.04 6.84 33.97
N PHE C 217 -6.94 8.16 33.96
CA PHE C 217 -6.71 8.89 35.20
C PHE C 217 -7.89 8.75 36.16
N GLU C 218 -9.09 8.58 35.63
CA GLU C 218 -10.28 8.53 36.48
C GLU C 218 -10.19 7.36 37.45
N ASN C 219 -10.50 7.65 38.72
CA ASN C 219 -10.40 6.67 39.80
C ASN C 219 -9.02 6.01 39.79
N PHE C 220 -8.00 6.85 39.96
CA PHE C 220 -6.62 6.36 39.98
C PHE C 220 -6.25 5.79 41.34
N GLN C 221 -7.04 6.06 42.37
CA GLN C 221 -6.79 5.53 43.71
C GLN C 221 -6.61 4.02 43.66
N SER C 222 -7.66 3.33 43.20
CA SER C 222 -7.65 1.87 43.20
C SER C 222 -6.60 1.31 42.25
N GLN C 223 -6.41 1.96 41.10
CA GLN C 223 -5.42 1.47 40.15
C GLN C 223 -4.02 1.50 40.74
N VAL C 224 -3.64 2.63 41.35
CA VAL C 224 -2.31 2.74 41.93
C VAL C 224 -2.16 1.77 43.10
N THR C 225 -3.19 1.64 43.94
CA THR C 225 -3.09 0.70 45.06
C THR C 225 -2.94 -0.73 44.57
N GLN C 226 -3.68 -1.11 43.53
CA GLN C 226 -3.60 -2.46 43.00
C GLN C 226 -2.24 -2.72 42.37
N VAL C 227 -1.68 -1.73 41.67
CA VAL C 227 -0.37 -1.90 41.06
C VAL C 227 0.70 -2.06 42.13
N ILE C 228 0.65 -1.22 43.18
CA ILE C 228 1.68 -1.30 44.20
C ILE C 228 1.55 -2.58 45.01
N GLU C 229 0.40 -2.78 45.65
CA GLU C 229 0.24 -3.93 46.53
C GLU C 229 0.07 -5.22 45.75
N GLY C 230 -0.98 -5.29 44.92
CA GLY C 230 -1.31 -6.50 44.21
C GLY C 230 -0.41 -6.74 43.01
N ASN C 231 -0.87 -7.62 42.14
CA ASN C 231 -0.16 -7.97 40.92
C ASN C 231 -1.00 -7.58 39.71
N ALA C 232 -0.39 -6.89 38.77
CA ALA C 232 -1.01 -6.53 37.50
C ALA C 232 -0.30 -7.28 36.36
N ALA C 233 -0.74 -7.00 35.15
CA ALA C 233 -0.16 -7.60 33.95
C ALA C 233 0.86 -6.64 33.34
N VAL C 234 1.99 -7.18 32.90
CA VAL C 234 3.06 -6.38 32.32
C VAL C 234 3.43 -6.95 30.96
N VAL C 235 3.96 -6.08 30.10
CA VAL C 235 4.47 -6.45 28.79
C VAL C 235 5.91 -5.96 28.70
N LEU C 236 6.81 -6.85 28.31
CA LEU C 236 8.23 -6.51 28.18
C LEU C 236 8.48 -6.03 26.75
N ARG C 237 8.19 -4.75 26.53
CA ARG C 237 8.43 -4.16 25.23
C ARG C 237 9.92 -4.18 24.90
N SER C 238 10.24 -4.58 23.68
CA SER C 238 11.62 -4.69 23.26
C SER C 238 12.21 -3.31 22.96
N ARG C 239 13.51 -3.18 23.23
CA ARG C 239 14.26 -1.98 22.91
C ARG C 239 15.43 -2.36 22.03
N LEU C 240 15.91 -1.39 21.24
CA LEU C 240 17.04 -1.60 20.35
C LEU C 240 18.26 -0.89 20.88
N LYS C 241 19.36 -1.63 20.98
CA LYS C 241 20.67 -1.08 21.29
C LYS C 241 21.33 -0.65 20.00
N VAL C 242 21.60 0.65 19.88
CA VAL C 242 22.17 1.23 18.66
C VAL C 242 23.50 1.88 19.02
N ARG C 243 24.55 1.47 18.32
CA ARG C 243 25.91 1.97 18.55
C ARG C 243 26.36 2.69 17.29
N VAL C 244 26.78 3.94 17.46
CA VAL C 244 27.23 4.78 16.35
C VAL C 244 28.74 4.87 16.40
N VAL C 245 29.41 4.36 15.37
CA VAL C 245 30.86 4.38 15.28
C VAL C 245 31.25 5.45 14.28
N LYS C 246 31.97 6.47 14.75
CA LYS C 246 32.38 7.59 13.92
C LYS C 246 33.70 7.27 13.23
N GLN C 276 34.45 7.04 17.88
CA GLN C 276 33.78 7.36 19.12
C GLN C 276 32.42 6.66 19.13
N ALA C 277 32.17 5.88 20.18
CA ALA C 277 30.93 5.16 20.34
C ALA C 277 29.94 5.99 21.16
N MET C 278 28.65 5.74 20.94
CA MET C 278 27.60 6.50 21.60
C MET C 278 26.67 5.65 22.45
N GLN C 279 26.35 4.43 22.00
CA GLN C 279 25.60 3.46 22.80
C GLN C 279 24.25 4.02 23.24
N TYR C 280 23.40 4.35 22.27
CA TYR C 280 22.03 4.75 22.57
C TYR C 280 21.11 3.53 22.69
N GLN C 281 19.99 3.74 23.37
CA GLN C 281 18.93 2.75 23.46
C GLN C 281 17.63 3.40 22.99
N VAL C 282 16.92 2.75 22.09
CA VAL C 282 15.71 3.32 21.51
C VAL C 282 14.54 2.39 21.74
N LEU C 283 13.34 2.97 21.78
CA LEU C 283 12.11 2.23 22.03
C LEU C 283 11.20 2.16 20.82
N ASN C 284 11.00 3.27 20.11
CA ASN C 284 10.03 3.28 19.02
C ASN C 284 10.67 2.99 17.67
N GLU C 285 11.64 3.80 17.26
CA GLU C 285 12.32 3.54 16.00
C GLU C 285 13.61 4.34 15.93
N VAL C 286 14.48 3.95 15.00
CA VAL C 286 15.62 4.75 14.57
C VAL C 286 15.47 5.01 13.08
N VAL C 287 15.59 6.28 12.69
CA VAL C 287 15.32 6.70 11.33
C VAL C 287 16.60 7.24 10.71
N ILE C 288 16.99 6.69 9.56
CA ILE C 288 18.14 7.17 8.81
C ILE C 288 17.60 7.77 7.52
N ASP C 289 17.75 9.09 7.38
CA ASP C 289 17.03 9.82 6.35
C ASP C 289 17.80 11.09 6.02
N ARG C 290 17.14 12.01 5.30
CA ARG C 290 17.69 13.33 5.06
C ARG C 290 17.46 14.21 6.29
N GLY C 291 17.66 15.51 6.13
CA GLY C 291 17.66 16.44 7.24
C GLY C 291 17.99 17.83 6.74
N PRO C 292 18.91 18.52 7.40
CA PRO C 292 19.41 19.79 6.85
C PRO C 292 20.07 19.64 5.49
N SER C 293 20.25 18.41 5.00
CA SER C 293 20.69 18.12 3.66
C SER C 293 19.48 17.75 2.81
N SER C 294 19.71 17.32 1.57
CA SER C 294 18.63 17.00 0.65
C SER C 294 19.02 15.80 -0.20
N TYR C 295 18.02 15.29 -0.93
CA TYR C 295 18.16 14.28 -1.96
C TYR C 295 18.30 12.86 -1.40
N LEU C 296 18.56 11.89 -2.29
CA LEU C 296 18.31 10.49 -1.99
C LEU C 296 19.11 10.00 -0.78
N SER C 297 20.43 10.21 -0.79
CA SER C 297 21.32 9.69 0.25
C SER C 297 21.22 8.15 0.34
N ASN C 298 21.60 7.52 -0.76
CA ASN C 298 21.58 6.06 -0.85
C ASN C 298 22.48 5.45 0.23
N VAL C 299 21.98 4.43 0.90
CA VAL C 299 22.68 3.87 2.06
C VAL C 299 22.52 2.35 2.09
N ASP C 300 23.61 1.65 2.43
CA ASP C 300 23.66 0.20 2.46
C ASP C 300 23.28 -0.32 3.84
N VAL C 301 22.55 -1.44 3.86
CA VAL C 301 22.22 -2.15 5.08
C VAL C 301 22.85 -3.53 5.00
N TYR C 302 23.75 -3.83 5.93
CA TYR C 302 24.31 -5.16 6.09
C TYR C 302 23.59 -5.86 7.24
N LEU C 303 23.42 -7.17 7.10
CA LEU C 303 22.63 -7.95 8.05
C LEU C 303 23.38 -9.25 8.30
N ASP C 304 23.98 -9.37 9.48
CA ASP C 304 24.86 -10.48 9.83
C ASP C 304 26.05 -10.57 8.89
N GLY C 305 26.53 -9.43 8.40
CA GLY C 305 27.70 -9.36 7.56
C GLY C 305 27.44 -9.51 6.07
N HIS C 306 26.21 -9.79 5.67
CA HIS C 306 25.85 -9.93 4.26
C HIS C 306 25.05 -8.72 3.82
N LEU C 307 25.43 -8.14 2.70
CA LEU C 307 24.74 -6.96 2.17
C LEU C 307 23.38 -7.38 1.66
N ILE C 308 22.33 -7.05 2.42
CA ILE C 308 20.99 -7.45 2.02
C ILE C 308 20.39 -6.46 1.02
N THR C 309 20.58 -5.16 1.24
CA THR C 309 19.94 -4.18 0.37
C THR C 309 20.69 -2.87 0.42
N THR C 310 20.48 -2.07 -0.63
CA THR C 310 20.97 -0.70 -0.75
C THR C 310 19.74 0.18 -0.93
N VAL C 311 19.28 0.77 0.17
CA VAL C 311 18.01 1.50 0.16
C VAL C 311 18.25 2.92 -0.32
N GLN C 312 17.38 3.38 -1.21
CA GLN C 312 17.28 4.73 -1.73
C GLN C 312 15.97 5.33 -1.26
N GLY C 313 15.68 6.55 -1.71
CA GLY C 313 14.48 7.23 -1.28
C GLY C 313 14.75 8.11 -0.07
N ASP C 314 13.66 8.41 0.65
CA ASP C 314 13.77 9.33 1.77
C ASP C 314 14.57 8.75 2.92
N GLY C 315 14.61 7.43 3.04
CA GLY C 315 15.43 6.79 4.05
C GLY C 315 14.81 5.49 4.51
N VAL C 316 15.31 5.01 5.64
CA VAL C 316 14.90 3.73 6.20
C VAL C 316 14.58 3.92 7.68
N ILE C 317 13.70 3.05 8.18
CA ILE C 317 13.30 3.05 9.58
C ILE C 317 13.53 1.64 10.12
N VAL C 318 14.29 1.54 11.21
CA VAL C 318 14.51 0.29 11.92
C VAL C 318 13.78 0.43 13.25
N SER C 319 12.74 -0.36 13.45
CA SER C 319 11.82 -0.14 14.56
C SER C 319 11.59 -1.41 15.36
N THR C 320 11.21 -1.20 16.62
CA THR C 320 10.77 -2.28 17.49
C THR C 320 9.32 -2.62 17.19
N PRO C 321 8.83 -3.75 17.70
CA PRO C 321 7.39 -4.02 17.60
C PRO C 321 6.53 -2.93 18.23
N THR C 322 7.05 -2.28 19.28
CA THR C 322 6.34 -1.15 19.87
C THR C 322 6.21 -0.01 18.87
N GLY C 323 7.23 0.19 18.05
CA GLY C 323 7.22 1.23 17.05
C GLY C 323 6.45 0.90 15.80
N SER C 324 5.82 -0.26 15.75
CA SER C 324 4.99 -0.61 14.60
C SER C 324 3.82 0.36 14.46
N THR C 325 3.23 0.78 15.58
CA THR C 325 2.19 1.79 15.56
C THR C 325 2.75 3.20 15.53
N ALA C 326 4.06 3.35 15.66
CA ALA C 326 4.77 4.62 15.54
C ALA C 326 4.97 4.99 14.08
N TYR C 327 5.86 5.95 13.83
CA TYR C 327 6.18 6.48 12.50
C TYR C 327 6.27 5.39 11.44
N ALA C 328 6.77 4.21 11.80
CA ALA C 328 6.84 3.10 10.86
C ALA C 328 5.48 2.77 10.27
N ALA C 329 4.40 2.98 11.04
CA ALA C 329 3.06 2.72 10.51
C ALA C 329 2.74 3.65 9.37
N ALA C 330 3.14 4.91 9.47
CA ALA C 330 2.87 5.88 8.41
C ALA C 330 3.54 5.50 7.10
N ALA C 331 4.60 4.70 7.16
CA ALA C 331 5.35 4.31 5.97
C ALA C 331 4.80 3.05 5.32
N GLY C 332 3.61 2.59 5.72
CA GLY C 332 3.01 1.42 5.13
C GLY C 332 3.41 0.10 5.74
N ALA C 333 3.94 0.10 6.96
CA ALA C 333 4.37 -1.13 7.60
C ALA C 333 3.24 -1.73 8.42
N SER C 334 3.30 -3.05 8.58
CA SER C 334 2.27 -3.77 9.31
C SER C 334 2.43 -3.58 10.81
N MET C 335 1.30 -3.52 11.51
CA MET C 335 1.32 -3.40 12.97
C MET C 335 1.75 -4.72 13.60
N ILE C 336 2.57 -4.64 14.63
CA ILE C 336 3.12 -5.81 15.30
C ILE C 336 2.85 -5.71 16.79
N HIS C 337 2.32 -6.78 17.37
CA HIS C 337 2.09 -6.84 18.80
C HIS C 337 3.42 -6.81 19.55
N PRO C 338 3.50 -6.13 20.70
CA PRO C 338 4.78 -6.02 21.41
C PRO C 338 5.32 -7.33 21.95
N ASN C 339 4.57 -8.43 21.89
CA ASN C 339 5.06 -9.72 22.35
C ASN C 339 5.74 -10.53 21.27
N VAL C 340 5.78 -10.04 20.04
CA VAL C 340 6.44 -10.73 18.93
C VAL C 340 7.87 -10.22 18.85
N PRO C 341 8.88 -11.06 19.08
CA PRO C 341 10.27 -10.60 19.01
C PRO C 341 10.73 -10.45 17.57
N ALA C 342 10.89 -9.22 17.12
CA ALA C 342 11.28 -8.96 15.74
C ALA C 342 11.89 -7.57 15.65
N ILE C 343 12.53 -7.30 14.52
CA ILE C 343 13.07 -5.99 14.18
C ILE C 343 12.53 -5.62 12.81
N MET C 344 11.93 -4.44 12.69
CA MET C 344 11.23 -4.03 11.48
C MET C 344 12.14 -3.12 10.64
N ILE C 345 12.25 -3.43 9.35
CA ILE C 345 12.90 -2.56 8.39
C ILE C 345 11.82 -2.06 7.43
N THR C 346 11.65 -0.74 7.36
CA THR C 346 10.60 -0.15 6.56
C THR C 346 11.15 1.03 5.76
N PRO C 347 10.81 1.14 4.47
CA PRO C 347 11.27 2.28 3.68
C PRO C 347 10.49 3.54 4.01
N ILE C 348 11.03 4.67 3.53
CA ILE C 348 10.32 5.93 3.49
C ILE C 348 10.35 6.38 2.04
N CYS C 349 9.25 6.19 1.32
CA CYS C 349 9.12 6.53 -0.09
C CYS C 349 10.28 5.95 -0.91
N PRO C 350 10.35 4.64 -1.08
CA PRO C 350 11.44 4.05 -1.87
C PRO C 350 11.21 4.24 -3.37
N HIS C 351 12.31 4.53 -4.07
CA HIS C 351 12.23 4.68 -5.52
C HIS C 351 11.93 3.39 -6.25
N SER C 352 12.04 2.25 -5.57
CA SER C 352 11.69 0.95 -6.15
C SER C 352 10.30 0.57 -5.67
N LEU C 353 9.46 0.13 -6.61
CA LEU C 353 8.09 -0.23 -6.28
C LEU C 353 8.00 -1.53 -5.49
N SER C 354 9.09 -2.27 -5.35
CA SER C 354 9.04 -3.60 -4.74
C SER C 354 9.53 -3.65 -3.30
N PHE C 355 10.25 -2.64 -2.83
CA PHE C 355 10.86 -2.69 -1.51
C PHE C 355 9.78 -2.43 -0.45
N ARG C 356 9.12 -3.56 -0.12
CA ARG C 356 8.03 -3.62 0.88
C ARG C 356 8.63 -3.96 2.22
N PRO C 357 8.10 -3.45 3.32
CA PRO C 357 8.72 -3.59 4.65
C PRO C 357 8.84 -5.05 5.07
N ILE C 358 9.91 -5.35 5.80
CA ILE C 358 10.23 -6.70 6.22
C ILE C 358 10.51 -6.72 7.71
N VAL C 359 10.52 -7.92 8.29
CA VAL C 359 10.93 -8.09 9.67
C VAL C 359 12.04 -9.14 9.71
N VAL C 360 12.86 -9.05 10.74
CA VAL C 360 14.00 -9.96 10.91
C VAL C 360 14.03 -10.43 12.36
N PRO C 361 14.67 -11.56 12.63
CA PRO C 361 14.66 -12.11 13.99
C PRO C 361 15.27 -11.15 15.01
N ALA C 362 14.97 -11.42 16.28
CA ALA C 362 15.42 -10.53 17.34
C ALA C 362 16.94 -10.51 17.47
N GLY C 363 17.58 -11.67 17.35
CA GLY C 363 19.00 -11.77 17.61
C GLY C 363 19.91 -11.26 16.51
N VAL C 364 19.33 -10.68 15.47
CA VAL C 364 20.13 -10.20 14.34
C VAL C 364 20.92 -8.97 14.75
N GLU C 365 21.97 -8.67 13.97
CA GLU C 365 22.79 -7.48 14.14
C GLU C 365 22.82 -6.72 12.82
N LEU C 366 22.02 -5.67 12.71
CA LEU C 366 22.05 -4.83 11.53
C LEU C 366 23.22 -3.85 11.61
N LYS C 367 23.74 -3.47 10.45
CA LYS C 367 24.83 -2.52 10.35
C LYS C 367 24.59 -1.64 9.14
N ILE C 368 24.20 -0.39 9.37
CA ILE C 368 23.84 0.52 8.30
C ILE C 368 24.97 1.52 8.10
N MET C 369 25.36 1.73 6.85
CA MET C 369 26.40 2.69 6.54
C MET C 369 26.25 3.15 5.10
N LEU C 370 26.74 4.35 4.82
CA LEU C 370 26.62 4.90 3.48
C LEU C 370 27.41 4.06 2.49
N SER C 371 26.86 3.90 1.29
CA SER C 371 27.58 3.22 0.23
C SER C 371 28.81 4.04 -0.17
N PRO C 372 29.90 3.39 -0.52
CA PRO C 372 31.08 4.16 -0.96
C PRO C 372 30.94 4.61 -2.40
N GLU C 373 29.77 5.14 -2.74
CA GLU C 373 29.53 5.74 -4.05
C GLU C 373 28.77 7.06 -3.98
N ALA C 374 28.16 7.41 -2.85
CA ALA C 374 27.22 8.51 -2.78
C ALA C 374 27.72 9.63 -1.89
N ARG C 375 27.56 10.86 -2.37
CA ARG C 375 27.73 12.06 -1.57
C ARG C 375 26.41 12.34 -0.83
N ASN C 376 26.27 13.52 -0.25
CA ASN C 376 25.04 13.92 0.45
C ASN C 376 24.77 12.97 1.63
N THR C 377 25.69 13.02 2.59
CA THR C 377 25.67 12.19 3.78
C THR C 377 24.35 12.27 4.53
N ALA C 378 24.04 11.24 5.33
CA ALA C 378 22.71 11.06 5.87
C ALA C 378 22.63 11.52 7.32
N TRP C 379 21.44 11.44 7.90
CA TRP C 379 21.18 11.87 9.27
C TRP C 379 20.41 10.79 9.99
N VAL C 380 20.76 10.54 11.26
CA VAL C 380 20.15 9.50 12.06
C VAL C 380 19.45 10.14 13.24
N SER C 381 18.21 9.72 13.48
CA SER C 381 17.38 10.20 14.56
C SER C 381 16.90 9.03 15.41
N PHE C 382 16.90 9.22 16.73
CA PHE C 382 16.62 8.17 17.69
C PHE C 382 15.32 8.50 18.42
N ASP C 383 14.20 7.94 17.97
CA ASP C 383 12.89 8.18 18.57
C ASP C 383 12.54 9.67 18.59
N GLY C 384 12.96 10.39 17.55
CA GLY C 384 12.69 11.81 17.49
C GLY C 384 13.52 12.59 18.50
N ARG C 385 14.84 12.52 18.36
CA ARG C 385 15.79 13.11 19.28
C ARG C 385 17.00 13.56 18.47
N LYS C 386 18.11 13.83 19.16
CA LYS C 386 19.28 14.43 18.55
C LYS C 386 19.66 13.73 17.26
N ARG C 387 19.63 14.48 16.15
CA ARG C 387 19.94 13.95 14.84
C ARG C 387 21.43 14.11 14.58
N GLN C 388 22.12 12.99 14.36
CA GLN C 388 23.56 13.01 14.14
C GLN C 388 23.86 12.74 12.67
N GLU C 389 24.86 13.44 12.15
CA GLU C 389 25.32 13.18 10.79
C GLU C 389 26.04 11.84 10.72
N ILE C 390 25.77 11.10 9.64
CA ILE C 390 26.55 9.92 9.29
C ILE C 390 27.12 10.14 7.90
N ARG C 391 28.43 10.02 7.79
CA ARG C 391 29.18 10.21 6.56
C ARG C 391 29.97 8.95 6.26
N HIS C 392 30.80 9.02 5.21
CA HIS C 392 31.65 7.89 4.85
C HIS C 392 32.54 7.52 6.01
N GLY C 393 32.62 6.23 6.31
CA GLY C 393 33.37 5.74 7.45
C GLY C 393 32.58 5.61 8.73
N ASP C 394 31.33 6.07 8.76
CA ASP C 394 30.48 5.92 9.92
C ASP C 394 29.68 4.63 9.82
N SER C 395 29.32 4.09 10.98
CA SER C 395 28.54 2.86 11.04
C SER C 395 27.48 2.98 12.12
N ILE C 396 26.33 2.35 11.90
CA ILE C 396 25.26 2.30 12.88
C ILE C 396 24.90 0.84 13.08
N SER C 397 25.20 0.31 14.26
CA SER C 397 24.96 -1.10 14.58
C SER C 397 23.73 -1.20 15.47
N ILE C 398 22.75 -1.97 15.02
CA ILE C 398 21.47 -2.11 15.70
C ILE C 398 21.28 -3.56 16.11
N THR C 399 20.96 -3.78 17.38
CA THR C 399 20.65 -5.11 17.87
C THR C 399 19.51 -5.02 18.86
N THR C 400 18.95 -6.17 19.22
CA THR C 400 17.90 -6.21 20.22
C THR C 400 18.53 -6.13 21.61
N SER C 401 18.15 -5.12 22.38
CA SER C 401 18.76 -4.90 23.68
C SER C 401 18.36 -6.01 24.65
N CYS C 402 19.17 -6.17 25.68
CA CYS C 402 18.92 -7.14 26.74
C CYS C 402 18.12 -6.54 27.89
N TYR C 403 17.70 -5.28 27.78
CA TYR C 403 17.09 -4.54 28.88
C TYR C 403 15.74 -4.01 28.41
N PRO C 404 14.71 -4.85 28.39
CA PRO C 404 13.41 -4.41 27.87
C PRO C 404 12.71 -3.47 28.83
N LEU C 405 11.66 -2.82 28.32
CA LEU C 405 10.87 -1.89 29.12
C LEU C 405 9.60 -2.58 29.58
N PRO C 406 9.39 -2.77 30.87
CA PRO C 406 8.11 -3.33 31.36
C PRO C 406 7.03 -2.26 31.45
N SER C 407 6.00 -2.39 30.62
CA SER C 407 4.85 -1.50 30.63
C SER C 407 3.66 -2.24 31.23
N ILE C 408 2.98 -1.60 32.17
CA ILE C 408 1.87 -2.22 32.89
C ILE C 408 0.58 -1.97 32.11
N CYS C 409 -0.17 -3.02 31.84
CA CYS C 409 -1.40 -2.94 31.05
C CYS C 409 -2.62 -2.96 31.95
N VAL C 410 -3.74 -2.50 31.39
CA VAL C 410 -4.97 -2.38 32.18
C VAL C 410 -5.59 -3.75 32.40
N ARG C 411 -5.81 -4.51 31.34
CA ARG C 411 -6.42 -5.83 31.45
C ARG C 411 -5.49 -6.95 31.01
N ASP C 412 -4.92 -6.86 29.82
CA ASP C 412 -4.04 -7.88 29.25
C ASP C 412 -3.48 -7.33 27.94
N PRO C 413 -2.32 -7.82 27.52
CA PRO C 413 -1.67 -7.21 26.33
C PRO C 413 -2.54 -7.22 25.08
N VAL C 414 -3.26 -8.30 24.81
CA VAL C 414 -3.96 -8.42 23.54
C VAL C 414 -5.12 -7.42 23.47
N SER C 415 -6.00 -7.45 24.47
CA SER C 415 -7.15 -6.56 24.45
C SER C 415 -6.72 -5.10 24.53
N ASP C 416 -5.70 -4.82 25.33
CA ASP C 416 -5.20 -3.45 25.45
C ASP C 416 -4.66 -2.95 24.13
N TRP C 417 -3.87 -3.79 23.45
CA TRP C 417 -3.29 -3.39 22.17
C TRP C 417 -4.38 -3.16 21.13
N PHE C 418 -5.38 -4.05 21.08
CA PHE C 418 -6.42 -3.90 20.07
C PHE C 418 -7.32 -2.70 20.37
N GLU C 419 -7.62 -2.45 21.64
CA GLU C 419 -8.39 -1.28 22.00
C GLU C 419 -7.64 0.00 21.65
N SER C 420 -6.33 0.01 21.87
CA SER C 420 -5.54 1.17 21.50
C SER C 420 -5.51 1.36 19.98
N LEU C 421 -5.42 0.28 19.23
CA LEU C 421 -5.45 0.37 17.77
C LEU C 421 -6.78 0.93 17.30
N ALA C 422 -7.88 0.47 17.90
CA ALA C 422 -9.20 0.96 17.51
C ALA C 422 -9.38 2.42 17.85
N GLN C 423 -8.98 2.84 19.06
CA GLN C 423 -9.26 4.19 19.51
C GLN C 423 -8.32 5.21 18.86
N CYS C 424 -7.06 4.86 18.66
CA CYS C 424 -6.08 5.85 18.24
C CYS C 424 -5.97 5.99 16.73
N LEU C 425 -5.67 4.89 16.03
CA LEU C 425 -5.47 4.95 14.58
C LEU C 425 -6.72 4.57 13.78
N HIS C 426 -7.83 4.26 14.43
CA HIS C 426 -9.04 3.84 13.75
C HIS C 426 -8.76 2.66 12.82
N TRP C 427 -8.32 1.56 13.44
CA TRP C 427 -7.75 0.45 12.67
C TRP C 427 -8.78 -0.20 11.75
N ASN C 428 -9.92 -0.59 12.29
CA ASN C 428 -10.96 -1.24 11.49
C ASN C 428 -12.33 -0.69 11.83
N VAL C 429 -12.45 0.63 11.96
CA VAL C 429 -13.75 1.23 12.23
C VAL C 429 -14.56 1.23 10.94
N ARG C 430 -15.76 0.65 11.00
CA ARG C 430 -16.63 0.62 9.83
C ARG C 430 -18.07 0.30 10.24
N GLN D 96 -2.56 16.93 -34.92
CA GLN D 96 -2.48 16.11 -33.71
C GLN D 96 -1.07 15.59 -33.47
N ARG D 97 -0.36 15.32 -34.56
CA ARG D 97 0.98 14.71 -34.45
C ARG D 97 2.06 15.78 -34.42
N LEU D 98 2.14 16.59 -35.48
CA LEU D 98 3.06 17.72 -35.51
C LEU D 98 2.58 18.68 -36.60
N THR D 99 2.11 19.85 -36.18
CA THR D 99 1.67 20.89 -37.12
C THR D 99 2.79 21.92 -37.22
N TRP D 100 3.70 21.71 -38.18
CA TRP D 100 4.83 22.61 -38.32
C TRP D 100 4.48 23.80 -39.19
N ASN D 101 4.90 24.98 -38.75
CA ASN D 101 4.77 26.24 -39.50
C ASN D 101 6.16 26.84 -39.58
N LYS D 102 6.54 27.30 -40.78
CA LYS D 102 7.85 27.92 -41.02
C LYS D 102 8.96 26.98 -40.57
N SER D 103 9.09 25.84 -41.26
CA SER D 103 9.77 24.65 -40.78
C SER D 103 11.04 25.01 -40.02
N PRO D 104 11.31 24.36 -38.89
CA PRO D 104 12.21 24.91 -37.88
C PRO D 104 13.55 25.37 -38.43
N LYS D 105 13.98 26.54 -37.98
CA LYS D 105 15.32 27.05 -38.24
C LYS D 105 16.14 27.25 -36.98
N SER D 106 15.50 27.34 -35.82
CA SER D 106 16.21 27.56 -34.55
C SER D 106 16.02 26.35 -33.65
N VAL D 107 17.13 25.82 -33.13
CA VAL D 107 17.13 24.64 -32.28
C VAL D 107 17.93 24.93 -31.01
N LEU D 108 17.34 24.65 -29.86
CA LEU D 108 18.01 24.81 -28.57
C LEU D 108 18.46 23.45 -28.07
N VAL D 109 19.74 23.34 -27.72
CA VAL D 109 20.32 22.12 -27.20
C VAL D 109 20.73 22.37 -25.76
N ILE D 110 20.20 21.57 -24.83
CA ILE D 110 20.46 21.70 -23.41
C ILE D 110 21.15 20.42 -22.94
N LYS D 111 22.25 20.59 -22.21
CA LYS D 111 23.07 19.48 -21.74
C LYS D 111 23.04 19.41 -20.23
N LYS D 112 23.21 18.18 -19.71
CA LYS D 112 23.15 17.97 -18.26
C LYS D 112 24.23 18.76 -17.53
N MET D 113 25.37 18.99 -18.20
CA MET D 113 26.51 19.72 -17.64
C MET D 113 27.18 18.94 -16.52
N ARG D 114 28.49 19.12 -16.35
CA ARG D 114 29.28 18.40 -15.36
C ARG D 114 29.21 16.89 -15.57
N ASP D 115 29.21 16.47 -16.83
CA ASP D 115 29.24 15.05 -17.16
C ASP D 115 30.09 14.90 -18.42
N ALA D 116 31.14 14.09 -18.34
CA ALA D 116 32.05 13.93 -19.46
C ALA D 116 31.48 13.04 -20.55
N SER D 117 30.61 12.09 -20.19
CA SER D 117 30.11 11.12 -21.16
C SER D 117 29.29 11.76 -22.27
N LEU D 118 28.77 12.97 -22.07
CA LEU D 118 27.91 13.61 -23.03
C LEU D 118 28.67 14.40 -24.10
N LEU D 119 29.99 14.53 -23.96
CA LEU D 119 30.74 15.44 -24.82
C LEU D 119 30.68 15.00 -26.28
N GLN D 120 31.02 13.74 -26.56
CA GLN D 120 30.99 13.27 -27.93
C GLN D 120 29.58 13.28 -28.54
N PRO D 121 28.53 12.82 -27.87
CA PRO D 121 27.18 13.01 -28.43
C PRO D 121 26.85 14.46 -28.70
N PHE D 122 27.27 15.37 -27.82
CA PHE D 122 27.07 16.79 -28.07
C PHE D 122 27.78 17.23 -29.35
N LYS D 123 29.02 16.77 -29.54
CA LYS D 123 29.75 17.09 -30.76
C LYS D 123 28.98 16.63 -31.98
N GLU D 124 28.55 15.37 -31.97
CA GLU D 124 27.90 14.80 -33.15
C GLU D 124 26.58 15.51 -33.45
N LEU D 125 25.80 15.80 -32.41
CA LEU D 125 24.54 16.51 -32.60
C LEU D 125 24.78 17.90 -33.15
N CYS D 126 25.80 18.60 -32.63
CA CYS D 126 26.11 19.93 -33.13
C CYS D 126 26.56 19.88 -34.59
N THR D 127 27.35 18.88 -34.95
CA THR D 127 27.78 18.74 -36.33
C THR D 127 26.59 18.52 -37.26
N HIS D 128 25.67 17.64 -36.88
CA HIS D 128 24.48 17.47 -37.72
C HIS D 128 23.66 18.74 -37.80
N LEU D 129 23.46 19.42 -36.68
CA LEU D 129 22.61 20.60 -36.72
C LEU D 129 23.22 21.71 -37.55
N MET D 130 24.54 21.91 -37.45
CA MET D 130 25.21 22.83 -38.35
C MET D 130 25.12 22.38 -39.80
N GLU D 131 25.16 21.07 -40.04
CA GLU D 131 25.22 20.57 -41.42
C GLU D 131 23.98 20.95 -42.21
N GLU D 132 22.79 20.76 -41.63
CA GLU D 132 21.56 21.03 -42.37
C GLU D 132 21.05 22.46 -42.15
N ASN D 133 21.92 23.43 -42.37
CA ASN D 133 21.56 24.85 -42.37
C ASN D 133 20.62 25.22 -41.23
N MET D 134 20.92 24.75 -40.03
CA MET D 134 20.02 24.90 -38.88
C MET D 134 20.70 25.77 -37.83
N ILE D 135 20.02 26.86 -37.45
CA ILE D 135 20.55 27.73 -36.40
C ILE D 135 20.36 27.03 -35.06
N VAL D 136 21.41 27.02 -34.25
CA VAL D 136 21.41 26.33 -32.97
C VAL D 136 21.82 27.31 -31.88
N TYR D 137 21.02 27.38 -30.82
CA TYR D 137 21.33 28.20 -29.67
C TYR D 137 21.84 27.32 -28.54
N VAL D 138 22.84 27.81 -27.82
CA VAL D 138 23.41 27.14 -26.66
C VAL D 138 23.44 28.15 -25.52
N GLU D 139 23.17 27.69 -24.30
CA GLU D 139 23.11 28.59 -23.16
C GLU D 139 24.45 29.29 -22.94
N LYS D 140 24.37 30.46 -22.30
CA LYS D 140 25.55 31.24 -21.97
C LYS D 140 26.41 30.60 -20.90
N LYS D 141 25.98 29.45 -20.36
CA LYS D 141 26.74 28.74 -19.34
C LYS D 141 27.34 27.44 -19.85
N VAL D 142 26.91 26.96 -21.02
CA VAL D 142 27.49 25.77 -21.62
C VAL D 142 28.59 26.12 -22.62
N LEU D 143 28.57 27.31 -23.18
CA LEU D 143 29.61 27.72 -24.12
C LEU D 143 30.97 27.82 -23.44
N GLU D 144 31.07 28.68 -22.42
CA GLU D 144 32.34 28.92 -21.73
C GLU D 144 32.82 27.71 -20.95
N ASP D 145 31.97 26.69 -20.77
CA ASP D 145 32.29 25.42 -20.12
C ASP D 145 33.66 24.93 -20.59
N PRO D 146 34.57 24.57 -19.68
CA PRO D 146 35.84 24.00 -20.12
C PRO D 146 35.67 22.67 -20.84
N ALA D 147 36.76 22.11 -21.34
CA ALA D 147 36.79 20.95 -22.22
C ALA D 147 36.24 21.34 -23.60
N ILE D 148 34.95 21.68 -23.67
CA ILE D 148 34.42 22.17 -24.94
C ILE D 148 35.05 23.50 -25.33
N ALA D 149 35.39 24.33 -24.35
CA ALA D 149 36.07 25.59 -24.67
C ALA D 149 37.42 25.34 -25.33
N SER D 150 38.26 24.52 -24.70
CA SER D 150 39.57 24.17 -25.25
C SER D 150 39.50 22.86 -26.02
N ASP D 151 38.69 22.84 -27.07
CA ASP D 151 38.51 21.65 -27.90
C ASP D 151 38.69 22.03 -29.36
N GLU D 152 39.82 21.62 -29.95
CA GLU D 152 40.04 21.84 -31.36
C GLU D 152 39.02 21.06 -32.19
N SER D 153 39.00 21.36 -33.49
CA SER D 153 38.09 20.77 -34.48
C SER D 153 36.63 21.09 -34.21
N PHE D 154 36.36 21.93 -33.21
CA PHE D 154 35.00 22.30 -32.85
C PHE D 154 34.83 23.80 -32.67
N GLY D 155 35.92 24.57 -32.57
CA GLY D 155 35.80 26.01 -32.43
C GLY D 155 35.08 26.65 -33.60
N ALA D 156 35.32 26.14 -34.81
CA ALA D 156 34.59 26.62 -35.97
C ALA D 156 33.09 26.40 -35.80
N VAL D 157 32.71 25.28 -35.18
CA VAL D 157 31.32 25.06 -34.83
C VAL D 157 30.88 26.01 -33.73
N LYS D 158 31.79 26.29 -32.78
CA LYS D 158 31.44 27.17 -31.67
C LYS D 158 31.10 28.58 -32.14
N LYS D 159 31.83 29.08 -33.14
CA LYS D 159 31.61 30.43 -33.63
C LYS D 159 30.21 30.60 -34.21
N LYS D 160 29.57 29.52 -34.65
CA LYS D 160 28.23 29.60 -35.22
C LYS D 160 27.13 29.46 -34.18
N PHE D 161 27.48 29.28 -32.90
CA PHE D 161 26.49 29.11 -31.84
C PHE D 161 26.08 30.48 -31.31
N CYS D 162 24.87 30.90 -31.64
CA CYS D 162 24.31 32.10 -31.02
C CYS D 162 23.78 31.76 -29.64
N THR D 163 23.99 32.67 -28.69
CA THR D 163 23.71 32.40 -27.29
C THR D 163 22.26 32.71 -26.96
N PHE D 164 21.56 31.73 -26.39
CA PHE D 164 20.21 31.94 -25.90
C PHE D 164 20.23 32.72 -24.60
N ARG D 165 19.19 33.54 -24.41
CA ARG D 165 19.08 34.36 -23.20
C ARG D 165 17.61 34.46 -22.80
N GLU D 166 17.39 34.71 -21.52
CA GLU D 166 16.04 34.79 -20.97
C GLU D 166 15.38 36.10 -21.35
N SER D 172 9.30 35.98 -26.72
CA SER D 172 10.54 35.34 -27.12
C SER D 172 10.44 34.77 -28.53
N ASN D 173 10.11 33.47 -28.61
CA ASN D 173 9.87 32.76 -29.86
C ASN D 173 11.11 32.66 -30.74
N GLN D 174 12.30 32.83 -30.18
CA GLN D 174 13.52 32.55 -30.92
C GLN D 174 13.94 31.08 -30.80
N ILE D 175 13.11 30.26 -30.17
CA ILE D 175 13.33 28.82 -30.06
C ILE D 175 12.15 28.12 -30.70
N ASP D 176 12.41 27.16 -31.58
CA ASP D 176 11.36 26.40 -32.22
C ASP D 176 11.45 24.90 -32.01
N PHE D 177 12.56 24.40 -31.48
CA PHE D 177 12.71 22.95 -31.33
C PHE D 177 13.83 22.70 -30.33
N ILE D 178 13.53 21.98 -29.25
CA ILE D 178 14.47 21.78 -28.16
C ILE D 178 14.92 20.33 -28.17
N ILE D 179 16.22 20.11 -28.02
CA ILE D 179 16.80 18.77 -27.90
C ILE D 179 17.50 18.68 -26.56
N CYS D 180 17.18 17.65 -25.79
CA CYS D 180 17.74 17.45 -24.46
C CYS D 180 18.63 16.22 -24.46
N LEU D 181 19.85 16.38 -23.97
CA LEU D 181 20.81 15.28 -23.85
C LEU D 181 21.03 15.00 -22.37
N GLY D 182 20.45 13.91 -21.88
CA GLY D 182 20.54 13.56 -20.48
C GLY D 182 19.35 12.71 -20.11
N GLY D 183 19.21 12.47 -18.81
CA GLY D 183 18.08 11.67 -18.37
C GLY D 183 17.27 12.27 -17.24
N ASP D 184 16.01 12.58 -17.54
CA ASP D 184 14.98 12.90 -16.56
C ASP D 184 15.29 14.16 -15.77
N GLY D 185 16.41 14.82 -16.06
CA GLY D 185 16.73 16.05 -15.40
C GLY D 185 16.90 17.20 -16.36
N THR D 186 17.27 16.87 -17.60
CA THR D 186 17.43 17.91 -18.61
C THR D 186 16.08 18.50 -19.01
N LEU D 187 15.05 17.67 -19.08
CA LEU D 187 13.73 18.18 -19.45
C LEU D 187 13.13 19.04 -18.34
N LEU D 188 13.39 18.69 -17.08
CA LEU D 188 12.93 19.55 -15.98
C LEU D 188 13.59 20.91 -16.06
N TYR D 189 14.90 20.95 -16.34
CA TYR D 189 15.59 22.22 -16.50
C TYR D 189 15.05 22.99 -17.70
N ALA D 190 14.75 22.28 -18.79
CA ALA D 190 14.18 22.92 -19.96
C ALA D 190 12.83 23.56 -19.63
N SER D 191 11.99 22.84 -18.87
CA SER D 191 10.71 23.41 -18.45
C SER D 191 10.92 24.62 -17.56
N SER D 192 11.93 24.57 -16.68
CA SER D 192 12.23 25.71 -15.84
C SER D 192 12.66 26.92 -16.67
N LEU D 193 13.37 26.68 -17.77
CA LEU D 193 13.80 27.78 -18.62
C LEU D 193 12.63 28.51 -19.25
N PHE D 194 11.65 27.77 -19.78
CA PHE D 194 10.51 28.35 -20.47
C PHE D 194 9.30 28.33 -19.55
N GLN D 195 9.00 29.48 -18.94
CA GLN D 195 7.82 29.59 -18.11
C GLN D 195 6.55 29.77 -18.92
N GLY D 196 6.64 30.17 -20.17
CA GLY D 196 5.50 30.34 -21.05
C GLY D 196 5.34 29.16 -22.00
N SER D 197 5.01 29.48 -23.25
CA SER D 197 4.89 28.45 -24.27
C SER D 197 6.27 27.85 -24.56
N VAL D 198 6.34 26.53 -24.57
CA VAL D 198 7.59 25.80 -24.77
C VAL D 198 7.50 25.06 -26.10
N PRO D 199 8.53 25.12 -26.95
CA PRO D 199 8.49 24.41 -28.23
C PRO D 199 8.61 22.91 -28.01
N PRO D 200 8.33 22.11 -29.05
CA PRO D 200 8.47 20.65 -28.91
C PRO D 200 9.87 20.26 -28.50
N VAL D 201 9.96 19.26 -27.62
CA VAL D 201 11.21 18.79 -27.04
C VAL D 201 11.31 17.30 -27.25
N MET D 202 12.48 16.83 -27.71
CA MET D 202 12.81 15.41 -27.63
C MET D 202 14.05 15.26 -26.77
N ALA D 203 14.09 14.20 -25.98
CA ALA D 203 15.21 13.96 -25.09
C ALA D 203 15.82 12.59 -25.37
N PHE D 204 17.14 12.53 -25.36
CA PHE D 204 17.88 11.31 -25.62
C PHE D 204 18.46 10.79 -24.31
N HIS D 205 18.28 9.50 -24.04
CA HIS D 205 18.89 8.87 -22.88
C HIS D 205 20.25 8.33 -23.27
N LEU D 206 21.31 8.86 -22.66
CA LEU D 206 22.66 8.41 -22.93
C LEU D 206 23.09 7.38 -21.89
N GLY D 207 22.40 6.24 -21.91
CA GLY D 207 22.74 5.14 -21.04
C GLY D 207 21.70 4.82 -19.99
N SER D 208 21.08 5.85 -19.42
CA SER D 208 20.09 5.69 -18.35
C SER D 208 18.72 5.95 -18.93
N LEU D 209 17.98 4.89 -19.19
CA LEU D 209 16.64 5.02 -19.76
C LEU D 209 15.68 5.47 -18.67
N GLY D 210 14.87 6.48 -18.99
CA GLY D 210 13.98 7.09 -18.03
C GLY D 210 12.56 7.16 -18.56
N PHE D 211 11.83 8.19 -18.10
CA PHE D 211 10.44 8.38 -18.45
C PHE D 211 10.21 9.56 -19.37
N LEU D 212 11.13 10.52 -19.41
CA LEU D 212 11.04 11.68 -20.27
C LEU D 212 12.02 11.63 -21.43
N THR D 213 12.67 10.49 -21.67
CA THR D 213 13.72 10.37 -22.68
C THR D 213 13.42 9.18 -23.58
N PRO D 214 12.43 9.30 -24.47
CA PRO D 214 12.04 8.16 -25.29
C PRO D 214 13.09 7.75 -26.31
N PHE D 215 13.65 8.73 -27.03
CA PHE D 215 14.55 8.44 -28.13
C PHE D 215 15.88 7.87 -27.65
N SER D 216 16.37 6.88 -28.39
CA SER D 216 17.70 6.32 -28.17
C SER D 216 18.70 7.02 -29.06
N PHE D 217 19.92 7.21 -28.54
CA PHE D 217 20.91 7.99 -29.28
C PHE D 217 21.36 7.31 -30.55
N GLU D 218 21.36 5.98 -30.59
CA GLU D 218 21.85 5.27 -31.76
C GLU D 218 21.02 5.63 -32.99
N ASN D 219 21.71 5.86 -34.11
CA ASN D 219 21.09 6.26 -35.36
C ASN D 219 20.15 7.45 -35.17
N PHE D 220 20.67 8.48 -34.51
CA PHE D 220 19.90 9.70 -34.32
C PHE D 220 19.75 10.49 -35.62
N GLN D 221 20.54 10.13 -36.63
CA GLN D 221 20.50 10.84 -37.90
C GLN D 221 19.10 10.80 -38.49
N SER D 222 18.56 9.59 -38.65
CA SER D 222 17.24 9.41 -39.22
C SER D 222 16.17 10.03 -38.34
N GLN D 223 16.29 9.88 -37.02
CA GLN D 223 15.28 10.43 -36.12
C GLN D 223 15.20 11.94 -36.22
N VAL D 224 16.35 12.62 -36.26
CA VAL D 224 16.34 14.07 -36.37
C VAL D 224 15.80 14.49 -37.73
N THR D 225 16.20 13.80 -38.80
CA THR D 225 15.68 14.16 -40.12
C THR D 225 14.17 13.97 -40.19
N GLN D 226 13.68 12.87 -39.62
CA GLN D 226 12.24 12.60 -39.62
C GLN D 226 11.47 13.63 -38.81
N VAL D 227 12.00 14.01 -37.65
CA VAL D 227 11.25 14.96 -36.81
C VAL D 227 11.24 16.35 -37.45
N ILE D 228 12.36 16.76 -38.06
CA ILE D 228 12.39 18.07 -38.70
C ILE D 228 11.50 18.08 -39.94
N GLU D 229 11.67 17.11 -40.83
CA GLU D 229 10.94 17.12 -42.08
C GLU D 229 9.53 16.55 -41.92
N GLY D 230 9.43 15.30 -41.49
CA GLY D 230 8.16 14.62 -41.42
C GLY D 230 7.37 14.97 -40.18
N ASN D 231 6.46 14.08 -39.80
CA ASN D 231 5.62 14.25 -38.63
C ASN D 231 5.88 13.10 -37.66
N ALA D 232 6.10 13.44 -36.40
CA ALA D 232 6.19 12.48 -35.32
C ALA D 232 5.00 12.68 -34.38
N ALA D 233 4.95 11.86 -33.33
CA ALA D 233 3.88 11.92 -32.35
C ALA D 233 4.34 12.71 -31.13
N VAL D 234 3.44 13.53 -30.58
CA VAL D 234 3.75 14.34 -29.42
C VAL D 234 2.72 14.10 -28.33
N VAL D 235 3.12 14.34 -27.09
CA VAL D 235 2.24 14.28 -25.93
C VAL D 235 2.32 15.62 -25.22
N LEU D 236 1.15 16.23 -24.98
CA LEU D 236 1.10 17.53 -24.31
C LEU D 236 1.02 17.29 -22.81
N ARG D 237 2.19 17.05 -22.22
CA ARG D 237 2.26 16.83 -20.77
C ARG D 237 1.81 18.07 -20.04
N SER D 238 0.97 17.89 -19.02
CA SER D 238 0.44 19.01 -18.28
C SER D 238 1.49 19.60 -17.34
N ARG D 239 1.30 20.88 -17.02
CA ARG D 239 2.15 21.58 -16.06
C ARG D 239 1.28 22.30 -15.06
N LEU D 240 1.83 22.54 -13.88
CA LEU D 240 1.13 23.23 -12.80
C LEU D 240 1.70 24.63 -12.63
N LYS D 241 0.82 25.62 -12.62
CA LYS D 241 1.20 26.99 -12.27
C LYS D 241 1.01 27.16 -10.77
N VAL D 242 2.06 27.58 -10.08
CA VAL D 242 2.08 27.70 -8.64
C VAL D 242 2.41 29.13 -8.28
N ARG D 243 1.52 29.78 -7.52
CA ARG D 243 1.74 31.13 -7.01
C ARG D 243 1.98 31.06 -5.51
N VAL D 244 3.09 31.62 -5.06
CA VAL D 244 3.44 31.65 -3.65
C VAL D 244 3.24 33.08 -3.16
N VAL D 245 2.29 33.27 -2.26
CA VAL D 245 1.97 34.57 -1.71
C VAL D 245 2.49 34.63 -0.29
N LYS D 246 3.44 35.53 -0.04
CA LYS D 246 4.04 35.69 1.27
C LYS D 246 3.23 36.70 2.09
N GLN D 276 4.27 39.40 -2.06
CA GLN D 276 5.06 39.05 -3.22
C GLN D 276 4.56 37.75 -3.84
N ALA D 277 4.52 37.71 -5.16
CA ALA D 277 4.08 36.54 -5.91
C ALA D 277 5.17 36.13 -6.89
N MET D 278 5.40 34.83 -7.01
CA MET D 278 6.47 34.30 -7.84
C MET D 278 5.99 33.65 -9.13
N GLN D 279 4.91 32.86 -9.07
CA GLN D 279 4.29 32.24 -10.24
C GLN D 279 5.31 31.36 -10.99
N TYR D 280 5.78 30.34 -10.28
CA TYR D 280 6.60 29.31 -10.88
C TYR D 280 5.76 28.31 -11.66
N GLN D 281 6.43 27.55 -12.52
CA GLN D 281 5.83 26.47 -13.29
C GLN D 281 6.51 25.16 -12.93
N VAL D 282 5.71 24.12 -12.78
CA VAL D 282 6.18 22.83 -12.29
C VAL D 282 5.74 21.75 -13.27
N LEU D 283 6.65 20.80 -13.54
CA LEU D 283 6.37 19.70 -14.45
C LEU D 283 6.09 18.39 -13.73
N ASN D 284 6.93 18.01 -12.75
CA ASN D 284 6.80 16.70 -12.13
C ASN D 284 5.95 16.75 -10.86
N GLU D 285 6.37 17.53 -9.87
CA GLU D 285 5.59 17.63 -8.65
C GLU D 285 6.01 18.84 -7.85
N VAL D 286 5.14 19.27 -6.95
CA VAL D 286 5.44 20.23 -5.90
C VAL D 286 5.27 19.53 -4.55
N VAL D 287 6.29 19.62 -3.72
CA VAL D 287 6.32 18.90 -2.45
C VAL D 287 6.33 19.92 -1.32
N ILE D 288 5.37 19.81 -0.40
CA ILE D 288 5.32 20.65 0.78
C ILE D 288 5.57 19.74 1.97
N ASP D 289 6.72 19.90 2.60
CA ASP D 289 7.21 18.94 3.58
C ASP D 289 8.06 19.68 4.62
N ARG D 290 8.84 18.91 5.38
CA ARG D 290 9.85 19.47 6.26
C ARG D 290 11.09 19.82 5.43
N GLY D 291 12.19 20.10 6.11
CA GLY D 291 13.35 20.69 5.48
C GLY D 291 14.36 21.09 6.53
N PRO D 292 14.85 22.33 6.45
CA PRO D 292 15.65 22.86 7.57
C PRO D 292 14.90 22.87 8.89
N SER D 293 13.56 22.87 8.87
CA SER D 293 12.79 22.59 10.07
C SER D 293 12.91 21.11 10.42
N SER D 294 12.46 20.76 11.63
CA SER D 294 12.70 19.41 12.12
C SER D 294 11.51 18.47 11.98
N TYR D 295 10.36 18.82 12.56
CA TYR D 295 9.35 17.82 12.86
C TYR D 295 7.94 18.32 12.53
N LEU D 296 7.08 17.36 12.21
CA LEU D 296 5.62 17.49 12.33
C LEU D 296 5.07 18.66 11.49
N SER D 297 5.25 18.55 10.19
CA SER D 297 4.54 19.44 9.28
C SER D 297 3.05 19.18 9.36
N ASN D 298 2.25 20.25 9.27
CA ASN D 298 0.80 20.17 9.43
C ASN D 298 0.20 21.30 8.62
N VAL D 299 -0.44 20.97 7.48
CA VAL D 299 -0.91 22.00 6.57
C VAL D 299 -2.34 21.70 6.10
N ASP D 300 -3.13 22.76 5.94
CA ASP D 300 -4.48 22.67 5.40
C ASP D 300 -4.44 22.80 3.88
N VAL D 301 -5.33 22.04 3.22
CA VAL D 301 -5.52 22.13 1.78
C VAL D 301 -6.95 22.55 1.51
N TYR D 302 -7.14 23.62 0.76
CA TYR D 302 -8.44 24.10 0.33
C TYR D 302 -8.60 23.85 -1.15
N LEU D 303 -9.81 23.49 -1.56
CA LEU D 303 -10.10 23.14 -2.95
C LEU D 303 -11.36 23.89 -3.35
N ASP D 304 -11.20 24.94 -4.16
CA ASP D 304 -12.27 25.88 -4.49
C ASP D 304 -12.84 26.55 -3.24
N GLY D 305 -11.99 26.78 -2.24
CA GLY D 305 -12.40 27.46 -1.04
C GLY D 305 -12.97 26.58 0.05
N HIS D 306 -13.16 25.29 -0.22
CA HIS D 306 -13.66 24.35 0.78
C HIS D 306 -12.48 23.59 1.38
N LEU D 307 -12.44 23.52 2.70
CA LEU D 307 -11.35 22.82 3.38
C LEU D 307 -11.54 21.31 3.24
N ILE D 308 -10.90 20.74 2.22
CA ILE D 308 -11.06 19.30 1.99
C ILE D 308 -10.36 18.48 3.05
N THR D 309 -9.14 18.88 3.45
CA THR D 309 -8.40 18.07 4.39
C THR D 309 -7.32 18.90 5.07
N THR D 310 -6.86 18.39 6.21
CA THR D 310 -5.65 18.84 6.87
C THR D 310 -4.70 17.64 6.93
N VAL D 311 -3.51 17.80 6.35
CA VAL D 311 -2.57 16.69 6.23
C VAL D 311 -1.45 16.90 7.24
N GLN D 312 -1.12 15.84 7.97
CA GLN D 312 0.00 15.72 8.87
C GLN D 312 1.00 14.73 8.28
N GLY D 313 2.04 14.44 9.04
CA GLY D 313 3.08 13.56 8.56
C GLY D 313 4.19 14.32 7.87
N ASP D 314 4.89 13.62 6.98
CA ASP D 314 6.07 14.22 6.35
C ASP D 314 5.70 15.35 5.41
N GLY D 315 4.56 15.26 4.74
CA GLY D 315 4.14 16.32 3.85
C GLY D 315 3.18 15.82 2.79
N VAL D 316 2.94 16.68 1.81
CA VAL D 316 2.00 16.41 0.74
C VAL D 316 2.70 16.68 -0.60
N ILE D 317 2.26 15.96 -1.63
CA ILE D 317 2.78 16.10 -2.98
C ILE D 317 1.62 16.38 -3.91
N VAL D 318 1.72 17.47 -4.66
CA VAL D 318 0.75 17.82 -5.70
C VAL D 318 1.47 17.67 -7.02
N SER D 319 1.07 16.69 -7.82
CA SER D 319 1.84 16.28 -8.98
C SER D 319 0.99 16.24 -10.23
N THR D 320 1.67 16.36 -11.37
CA THR D 320 1.06 16.19 -12.68
C THR D 320 1.04 14.71 -13.04
N PRO D 321 0.28 14.34 -14.08
CA PRO D 321 0.37 12.96 -14.58
C PRO D 321 1.78 12.55 -14.98
N THR D 322 2.59 13.50 -15.46
CA THR D 322 3.98 13.21 -15.74
C THR D 322 4.73 12.83 -14.47
N GLY D 323 4.41 13.49 -13.36
CA GLY D 323 5.01 13.20 -12.08
C GLY D 323 4.39 12.04 -11.34
N SER D 324 3.39 11.39 -11.93
CA SER D 324 2.83 10.18 -11.34
C SER D 324 3.90 9.11 -11.16
N THR D 325 4.86 9.05 -12.07
CA THR D 325 5.98 8.13 -11.99
C THR D 325 7.18 8.73 -11.29
N ALA D 326 7.12 10.01 -10.93
CA ALA D 326 8.13 10.71 -10.15
C ALA D 326 7.97 10.39 -8.67
N TYR D 327 8.61 11.20 -7.82
CA TYR D 327 8.60 11.04 -6.37
C TYR D 327 7.23 10.67 -5.83
N ALA D 328 6.16 11.17 -6.44
CA ALA D 328 4.81 10.79 -6.02
C ALA D 328 4.60 9.29 -6.11
N ALA D 329 5.23 8.61 -7.07
CA ALA D 329 5.12 7.16 -7.16
C ALA D 329 5.73 6.48 -5.94
N ALA D 330 6.85 7.02 -5.44
CA ALA D 330 7.49 6.45 -4.27
C ALA D 330 6.60 6.50 -3.04
N ALA D 331 5.64 7.41 -3.00
CA ALA D 331 4.75 7.58 -1.86
C ALA D 331 3.51 6.69 -1.94
N GLY D 332 3.49 5.73 -2.84
CA GLY D 332 2.37 4.81 -2.95
C GLY D 332 1.23 5.28 -3.84
N ALA D 333 1.48 6.23 -4.73
CA ALA D 333 0.44 6.73 -5.61
C ALA D 333 0.38 5.90 -6.90
N SER D 334 -0.73 6.07 -7.62
CA SER D 334 -0.97 5.31 -8.83
C SER D 334 -0.35 6.00 -10.03
N MET D 335 0.17 5.19 -10.96
CA MET D 335 0.77 5.72 -12.17
C MET D 335 -0.33 6.22 -13.11
N ILE D 336 -0.14 7.41 -13.66
CA ILE D 336 -1.14 8.05 -14.51
C ILE D 336 -0.51 8.38 -15.86
N HIS D 337 -1.19 8.01 -16.93
CA HIS D 337 -0.74 8.34 -18.28
C HIS D 337 -0.81 9.85 -18.49
N PRO D 338 0.15 10.44 -19.21
CA PRO D 338 0.17 11.90 -19.37
C PRO D 338 -1.02 12.46 -20.15
N ASN D 339 -1.80 11.63 -20.82
CA ASN D 339 -2.97 12.12 -21.56
C ASN D 339 -4.21 12.25 -20.69
N VAL D 340 -4.13 11.87 -19.42
CA VAL D 340 -5.27 11.99 -18.51
C VAL D 340 -5.16 13.32 -17.78
N PRO D 341 -6.10 14.25 -17.99
CA PRO D 341 -6.03 15.55 -17.31
C PRO D 341 -6.47 15.44 -15.86
N ALA D 342 -5.51 15.56 -14.94
CA ALA D 342 -5.81 15.44 -13.52
C ALA D 342 -4.68 16.07 -12.72
N ILE D 343 -4.93 16.24 -11.43
CA ILE D 343 -3.95 16.73 -10.47
C ILE D 343 -3.92 15.77 -9.30
N MET D 344 -2.73 15.29 -8.94
CA MET D 344 -2.58 14.24 -7.94
C MET D 344 -2.23 14.85 -6.60
N ILE D 345 -2.96 14.44 -5.56
CA ILE D 345 -2.61 14.75 -4.18
C ILE D 345 -2.22 13.45 -3.50
N THR D 346 -0.98 13.38 -3.02
CA THR D 346 -0.44 12.16 -2.46
C THR D 346 0.25 12.46 -1.14
N PRO D 347 0.00 11.69 -0.09
CA PRO D 347 0.66 11.93 1.19
C PRO D 347 2.11 11.47 1.17
N ILE D 348 2.86 11.88 2.19
CA ILE D 348 4.18 11.36 2.47
C ILE D 348 4.15 10.88 3.90
N CYS D 349 3.97 9.57 4.10
CA CYS D 349 3.88 8.96 5.41
C CYS D 349 2.83 9.66 6.28
N PRO D 350 1.55 9.53 5.97
CA PRO D 350 0.52 10.19 6.79
C PRO D 350 0.28 9.42 8.08
N HIS D 351 0.08 10.18 9.16
CA HIS D 351 -0.19 9.55 10.45
C HIS D 351 -1.51 8.81 10.48
N SER D 352 -2.42 9.12 9.56
CA SER D 352 -3.69 8.42 9.47
C SER D 352 -3.55 7.27 8.48
N LEU D 353 -3.99 6.08 8.90
CA LEU D 353 -3.90 4.90 8.06
C LEU D 353 -4.83 4.95 6.85
N SER D 354 -5.75 5.91 6.81
CA SER D 354 -6.79 5.93 5.79
C SER D 354 -6.54 6.97 4.70
N PHE D 355 -5.58 7.88 4.88
CA PHE D 355 -5.37 8.95 3.91
C PHE D 355 -4.72 8.34 2.68
N ARG D 356 -5.53 8.03 1.68
CA ARG D 356 -5.15 7.39 0.42
C ARG D 356 -5.00 8.45 -0.67
N PRO D 357 -4.01 8.32 -1.55
CA PRO D 357 -3.81 9.33 -2.59
C PRO D 357 -5.04 9.48 -3.48
N ILE D 358 -5.30 10.72 -3.86
CA ILE D 358 -6.49 11.06 -4.65
C ILE D 358 -6.06 11.87 -5.86
N VAL D 359 -6.95 11.96 -6.84
CA VAL D 359 -6.77 12.85 -7.98
C VAL D 359 -7.99 13.73 -8.12
N VAL D 360 -7.79 14.92 -8.65
CA VAL D 360 -8.84 15.92 -8.78
C VAL D 360 -8.82 16.44 -10.20
N PRO D 361 -9.92 17.02 -10.68
CA PRO D 361 -9.97 17.50 -12.06
C PRO D 361 -8.90 18.53 -12.35
N ALA D 362 -8.56 18.65 -13.63
CA ALA D 362 -7.46 19.52 -14.04
C ALA D 362 -7.75 20.98 -13.70
N GLY D 363 -8.98 21.41 -13.93
CA GLY D 363 -9.30 22.82 -13.84
C GLY D 363 -9.55 23.38 -12.46
N VAL D 364 -9.40 22.58 -11.41
CA VAL D 364 -9.71 23.05 -10.07
C VAL D 364 -8.46 23.71 -9.49
N GLU D 365 -8.68 24.62 -8.54
CA GLU D 365 -7.61 25.44 -7.95
C GLU D 365 -7.37 25.01 -6.52
N LEU D 366 -6.16 24.53 -6.24
CA LEU D 366 -5.78 24.14 -4.89
C LEU D 366 -5.11 25.31 -4.18
N LYS D 367 -5.29 25.37 -2.86
CA LYS D 367 -4.65 26.40 -2.05
C LYS D 367 -4.16 25.75 -0.76
N ILE D 368 -2.85 25.62 -0.62
CA ILE D 368 -2.25 24.97 0.54
C ILE D 368 -1.66 26.05 1.44
N MET D 369 -1.95 25.96 2.74
CA MET D 369 -1.40 26.93 3.67
C MET D 369 -1.32 26.32 5.05
N LEU D 370 -0.48 26.90 5.90
CA LEU D 370 -0.32 26.43 7.27
C LEU D 370 -1.64 26.54 8.01
N SER D 371 -1.96 25.51 8.78
CA SER D 371 -3.09 25.60 9.69
C SER D 371 -2.80 26.64 10.76
N PRO D 372 -3.79 27.45 11.15
CA PRO D 372 -3.53 28.47 12.17
C PRO D 372 -3.54 27.87 13.57
N GLU D 373 -2.87 26.73 13.74
CA GLU D 373 -2.70 26.12 15.05
C GLU D 373 -1.29 25.61 15.30
N ALA D 374 -0.44 25.49 14.27
CA ALA D 374 0.81 24.76 14.39
C ALA D 374 2.00 25.68 14.15
N ARG D 375 3.04 25.49 14.97
CA ARG D 375 4.36 26.05 14.75
C ARG D 375 5.12 25.14 13.80
N ASN D 376 6.44 25.35 13.67
CA ASN D 376 7.30 24.55 12.82
C ASN D 376 6.84 24.64 11.35
N THR D 377 6.96 25.86 10.83
CA THR D 377 6.54 26.22 9.48
C THR D 377 7.16 25.29 8.44
N ALA D 378 6.54 25.21 7.26
CA ALA D 378 6.86 24.17 6.30
C ALA D 378 7.80 24.70 5.22
N TRP D 379 8.25 23.78 4.35
CA TRP D 379 9.12 24.14 3.24
C TRP D 379 8.58 23.50 1.97
N VAL D 380 8.58 24.27 0.88
CA VAL D 380 8.00 23.85 -0.38
C VAL D 380 9.10 23.79 -1.43
N SER D 381 9.10 22.71 -2.21
CA SER D 381 10.08 22.46 -3.25
C SER D 381 9.37 22.24 -4.57
N PHE D 382 9.94 22.81 -5.63
CA PHE D 382 9.35 22.80 -6.97
C PHE D 382 10.21 21.92 -7.85
N ASP D 383 9.71 20.75 -8.22
CA ASP D 383 10.40 19.84 -9.13
C ASP D 383 11.78 19.46 -8.63
N GLY D 384 11.97 19.46 -7.31
CA GLY D 384 13.30 19.23 -6.76
C GLY D 384 14.24 20.38 -7.08
N ARG D 385 13.91 21.56 -6.57
CA ARG D 385 14.65 22.78 -6.84
C ARG D 385 14.51 23.65 -5.58
N LYS D 386 14.84 24.94 -5.69
CA LYS D 386 14.87 25.86 -4.56
C LYS D 386 13.69 25.66 -3.63
N ARG D 387 13.99 25.57 -2.34
CA ARG D 387 13.00 25.28 -1.30
C ARG D 387 12.70 26.57 -0.54
N GLN D 388 11.46 27.04 -0.68
CA GLN D 388 11.03 28.26 -0.01
C GLN D 388 10.31 27.91 1.29
N GLU D 389 10.61 28.66 2.34
CA GLU D 389 9.96 28.44 3.62
C GLU D 389 8.61 29.14 3.65
N ILE D 390 7.55 28.38 3.89
CA ILE D 390 6.20 28.92 4.00
C ILE D 390 5.81 28.93 5.48
N ARG D 391 5.30 30.07 5.92
CA ARG D 391 4.89 30.28 7.31
C ARG D 391 3.46 30.78 7.35
N HIS D 392 2.99 31.17 8.53
CA HIS D 392 1.63 31.69 8.66
C HIS D 392 1.46 32.93 7.79
N GLY D 393 0.30 33.02 7.13
CA GLY D 393 0.01 34.09 6.23
C GLY D 393 0.48 33.88 4.81
N ASP D 394 1.20 32.79 4.54
CA ASP D 394 1.64 32.46 3.19
C ASP D 394 0.71 31.41 2.59
N SER D 395 0.48 31.51 1.29
CA SER D 395 -0.40 30.59 0.59
C SER D 395 0.27 30.09 -0.68
N ILE D 396 -0.05 28.87 -1.08
CA ILE D 396 0.47 28.27 -2.29
C ILE D 396 -0.73 27.87 -3.15
N SER D 397 -0.92 28.56 -4.26
CA SER D 397 -2.03 28.32 -5.16
C SER D 397 -1.54 27.51 -6.35
N ILE D 398 -2.19 26.36 -6.59
CA ILE D 398 -1.80 25.44 -7.64
C ILE D 398 -2.96 25.30 -8.62
N THR D 399 -2.68 25.51 -9.90
CA THR D 399 -3.67 25.30 -10.94
C THR D 399 -3.00 24.62 -12.13
N THR D 400 -3.81 24.16 -13.08
CA THR D 400 -3.28 23.56 -14.29
C THR D 400 -2.88 24.68 -15.26
N SER D 401 -1.62 24.65 -15.70
CA SER D 401 -1.11 25.72 -16.55
C SER D 401 -1.76 25.67 -17.93
N CYS D 402 -1.68 26.79 -18.63
CA CYS D 402 -2.21 26.91 -19.99
C CYS D 402 -1.13 26.68 -21.04
N TYR D 403 0.08 26.29 -20.62
CA TYR D 403 1.21 26.09 -21.53
C TYR D 403 1.80 24.71 -21.29
N PRO D 404 1.20 23.66 -21.84
CA PRO D 404 1.74 22.31 -21.65
C PRO D 404 3.04 22.10 -22.39
N LEU D 405 3.76 21.07 -21.99
CA LEU D 405 5.04 20.74 -22.59
C LEU D 405 4.84 19.65 -23.64
N PRO D 406 5.11 19.93 -24.91
CA PRO D 406 5.03 18.88 -25.94
C PRO D 406 6.30 18.04 -25.96
N SER D 407 6.17 16.77 -25.60
CA SER D 407 7.27 15.82 -25.62
C SER D 407 7.07 14.85 -26.77
N ILE D 408 8.12 14.65 -27.56
CA ILE D 408 8.03 13.85 -28.77
C ILE D 408 8.31 12.40 -28.43
N CYS D 409 7.41 11.51 -28.81
CA CYS D 409 7.50 10.10 -28.51
C CYS D 409 7.97 9.31 -29.72
N VAL D 410 8.61 8.18 -29.46
CA VAL D 410 9.21 7.39 -30.55
C VAL D 410 8.13 6.77 -31.43
N ARG D 411 7.14 6.12 -30.83
CA ARG D 411 6.08 5.47 -31.61
C ARG D 411 4.71 6.07 -31.34
N ASP D 412 4.30 6.13 -30.07
CA ASP D 412 2.99 6.63 -29.67
C ASP D 412 2.96 6.68 -28.15
N PRO D 413 2.11 7.53 -27.57
CA PRO D 413 2.13 7.70 -26.10
C PRO D 413 1.93 6.40 -25.32
N VAL D 414 1.02 5.54 -25.77
CA VAL D 414 0.64 4.37 -24.98
C VAL D 414 1.79 3.37 -24.91
N SER D 415 2.27 2.91 -26.06
CA SER D 415 3.33 1.91 -26.08
C SER D 415 4.61 2.46 -25.48
N ASP D 416 4.94 3.72 -25.76
CA ASP D 416 6.13 4.32 -25.20
C ASP D 416 6.05 4.39 -23.69
N TRP D 417 4.90 4.82 -23.15
CA TRP D 417 4.75 4.90 -21.72
C TRP D 417 4.84 3.53 -21.07
N PHE D 418 4.22 2.51 -21.66
CA PHE D 418 4.25 1.20 -21.04
C PHE D 418 5.64 0.57 -21.15
N GLU D 419 6.34 0.76 -22.26
CA GLU D 419 7.70 0.27 -22.38
C GLU D 419 8.61 0.95 -21.36
N SER D 420 8.42 2.26 -21.16
CA SER D 420 9.16 2.96 -20.13
C SER D 420 8.86 2.40 -18.74
N LEU D 421 7.58 2.13 -18.46
CA LEU D 421 7.22 1.56 -17.17
C LEU D 421 7.90 0.21 -16.96
N ALA D 422 7.90 -0.63 -17.99
CA ALA D 422 8.52 -1.94 -17.87
C ALA D 422 10.03 -1.84 -17.69
N GLN D 423 10.68 -0.97 -18.47
CA GLN D 423 12.14 -0.94 -18.46
C GLN D 423 12.69 -0.24 -17.24
N CYS D 424 12.04 0.83 -16.77
CA CYS D 424 12.63 1.68 -15.75
C CYS D 424 12.23 1.26 -14.33
N LEU D 425 10.93 1.24 -14.03
CA LEU D 425 10.47 0.95 -12.69
C LEU D 425 10.17 -0.52 -12.45
N HIS D 426 10.29 -1.38 -13.46
CA HIS D 426 9.95 -2.80 -13.34
C HIS D 426 8.51 -2.97 -12.86
N TRP D 427 7.58 -2.46 -13.66
CA TRP D 427 6.19 -2.36 -13.24
C TRP D 427 5.57 -3.74 -13.02
N ASN D 428 5.65 -4.61 -14.02
CA ASN D 428 5.05 -5.94 -13.91
C ASN D 428 6.00 -7.01 -14.44
N VAL D 429 7.27 -6.92 -14.09
CA VAL D 429 8.21 -7.96 -14.50
C VAL D 429 7.98 -9.20 -13.63
N ARG D 430 7.79 -10.34 -14.28
CA ARG D 430 7.59 -11.59 -13.57
C ARG D 430 7.80 -12.79 -14.49
#